data_2D0F
#
_entry.id   2D0F
#
_cell.length_a   121.532
_cell.length_b   50.429
_cell.length_c   107.834
_cell.angle_alpha   90.00
_cell.angle_beta   104.30
_cell.angle_gamma   90.00
#
_symmetry.space_group_name_H-M   'C 1 2 1'
#
loop_
_entity.id
_entity.type
_entity.pdbx_description
1 polymer 'alpha-amylase I'
2 branched alpha-D-glucopyranose-(1-4)-alpha-D-glucopyranose-(1-4)-alpha-D-glucopyranose-(1-6)-alpha-D-glucopyranose-(1-4)-beta-D-glucopyranose
3 branched alpha-D-glucopyranose-(1-4)-alpha-D-glucopyranose-(1-4)-beta-D-glucopyranose
4 non-polymer 'CALCIUM ION'
5 non-polymer (4S)-2-METHYL-2,4-PENTANEDIOL
6 water water
#
_entity_poly.entity_id   1
_entity_poly.type   'polypeptide(L)'
_entity_poly.pdbx_seq_one_letter_code
;AANDNNVEWNGLFHDQGPLFDNAPEPTSTQSVTLKLRTFKGDITSANIKYWDTADNAFHWVPMVWDSNDPTGTFDYWKGT
IPASPSIKYYRFQINDGTSTAWYNGNGPSSTEPNADDFYIIPNFKTPDWLKNGVMYQIFPDRFYNGDSSNDVQTGSYTYN
GTPTEKKAWGSSVYADPGYDNSLVFFGGDLAGIDQKLGYIKKTLGANILYLNPIFKAPTNHKYDTQDYMAVDPAFGDNST
LQTLINDIHSTANGPKGYLILDGVFNHTGDSHPWFDKYNNFSSQGAYESQSSPWYNYYTFYTWPDSYASFLGFNSLPKLN
YGNSGSAVRGVIYNNSNSVAKTYLNPPYSVDGWRLNAAQYVDANGNNGSDVTNHQIWSEFRNAVKGVNSNAAIIGEYWGN
ANPWTAQGNQWDAATNFDGFTQPVSEWITGKDYQNNSASISTTQFDSWLRGTRANYPTNVQQSMMNFLSNHDITRFATRS
GGDLWKTYLALIFQMTYVGTPTIYYGDEYGMQGGADPDNRRSFDWSQATPSNSAVALTQKLITIRNQYPALRTGSFMTLI
TDDTNKIYSYGRFDNVNRIAVVLNNDSVSHTVNVPVWQLSMPNGSTVTDKITGHSYTVQNGMVTVAVDGHYGAVLAQ
;
_entity_poly.pdbx_strand_id   A
#
# COMPACT_ATOMS: atom_id res chain seq x y z
N ALA A 1 -30.25 -10.11 -23.83
CA ALA A 1 -30.86 -10.70 -22.61
C ALA A 1 -32.36 -10.50 -22.62
N ALA A 2 -33.06 -11.19 -21.72
CA ALA A 2 -34.51 -11.07 -21.62
C ALA A 2 -35.01 -11.74 -20.35
N ASN A 3 -36.31 -11.68 -20.13
CA ASN A 3 -36.89 -12.34 -18.98
C ASN A 3 -37.12 -13.78 -19.44
N ASP A 4 -36.17 -14.63 -19.07
CA ASP A 4 -36.18 -16.03 -19.48
C ASP A 4 -35.82 -16.95 -18.32
N ASN A 5 -36.25 -16.59 -17.12
CA ASN A 5 -35.93 -17.38 -15.94
C ASN A 5 -34.43 -17.66 -15.85
N ASN A 6 -33.61 -16.64 -16.10
CA ASN A 6 -32.17 -16.80 -16.01
C ASN A 6 -31.42 -15.47 -15.85
N VAL A 7 -30.67 -15.35 -14.76
CA VAL A 7 -29.88 -14.15 -14.50
C VAL A 7 -28.51 -14.38 -15.14
N GLU A 8 -28.15 -13.54 -16.11
CA GLU A 8 -26.87 -13.69 -16.79
C GLU A 8 -25.77 -12.99 -16.00
N TRP A 9 -24.93 -13.80 -15.35
CA TRP A 9 -23.82 -13.31 -14.53
C TRP A 9 -22.88 -12.33 -15.22
N ASN A 10 -22.61 -12.55 -16.51
CA ASN A 10 -21.69 -11.68 -17.25
C ASN A 10 -22.17 -10.23 -17.38
N GLY A 11 -23.47 -10.00 -17.24
CA GLY A 11 -23.98 -8.65 -17.36
C GLY A 11 -24.04 -7.94 -16.02
N LEU A 12 -23.84 -8.69 -14.95
CA LEU A 12 -23.89 -8.14 -13.60
C LEU A 12 -22.60 -7.44 -13.19
N PHE A 13 -22.76 -6.37 -12.42
CA PHE A 13 -21.59 -5.65 -11.90
C PHE A 13 -21.92 -4.58 -10.88
N HIS A 14 -21.04 -4.50 -9.89
CA HIS A 14 -21.12 -3.47 -8.87
C HIS A 14 -19.86 -3.46 -8.02
N ASP A 15 -19.43 -2.26 -7.68
CA ASP A 15 -18.31 -2.03 -6.80
C ASP A 15 -18.57 -0.60 -6.35
N GLN A 16 -17.73 -0.04 -5.49
CA GLN A 16 -18.05 1.30 -5.03
C GLN A 16 -17.44 2.46 -5.81
N GLY A 17 -17.20 2.21 -7.09
CA GLY A 17 -16.66 3.24 -7.97
C GLY A 17 -17.73 4.30 -8.23
N PRO A 18 -17.36 5.44 -8.81
CA PRO A 18 -18.25 6.56 -9.13
C PRO A 18 -19.56 6.24 -9.83
N LEU A 19 -19.53 5.30 -10.77
CA LEU A 19 -20.73 4.95 -11.51
C LEU A 19 -21.78 4.18 -10.71
N PHE A 20 -21.36 3.54 -9.62
CA PHE A 20 -22.27 2.70 -8.85
C PHE A 20 -22.54 3.08 -7.40
N ASP A 21 -21.84 4.09 -6.89
CA ASP A 21 -22.01 4.50 -5.49
C ASP A 21 -21.79 6.01 -5.38
N ASN A 22 -22.82 6.73 -4.95
CA ASN A 22 -22.73 8.19 -4.84
C ASN A 22 -22.14 8.70 -3.53
N ALA A 23 -21.85 7.78 -2.60
CA ALA A 23 -21.28 8.18 -1.32
C ALA A 23 -20.34 7.10 -0.78
N PRO A 24 -19.15 6.95 -1.38
CA PRO A 24 -18.16 5.97 -0.97
C PRO A 24 -17.57 6.16 0.43
N GLU A 25 -17.63 7.39 0.94
CA GLU A 25 -17.13 7.71 2.28
C GLU A 25 -18.12 8.65 2.96
N PRO A 26 -19.34 8.15 3.24
CA PRO A 26 -20.42 8.92 3.87
C PRO A 26 -20.24 9.24 5.34
N THR A 27 -20.87 10.33 5.77
CA THR A 27 -20.84 10.72 7.17
C THR A 27 -22.11 10.10 7.75
N SER A 28 -22.39 10.37 9.03
CA SER A 28 -23.56 9.83 9.70
C SER A 28 -24.89 10.28 9.11
N THR A 29 -24.90 11.40 8.41
CA THR A 29 -26.13 11.96 7.86
C THR A 29 -26.29 11.82 6.35
N GLN A 30 -25.39 11.08 5.69
CA GLN A 30 -25.47 10.90 4.25
C GLN A 30 -25.95 9.51 3.87
N SER A 31 -27.01 9.46 3.07
CA SER A 31 -27.56 8.18 2.62
C SER A 31 -26.70 7.69 1.46
N VAL A 32 -26.71 6.38 1.23
CA VAL A 32 -25.91 5.80 0.17
C VAL A 32 -26.76 5.19 -0.93
N THR A 33 -26.72 5.80 -2.12
CA THR A 33 -27.47 5.29 -3.25
C THR A 33 -26.56 4.44 -4.11
N LEU A 34 -26.94 3.18 -4.25
CA LEU A 34 -26.17 2.19 -5.00
C LEU A 34 -26.84 1.81 -6.32
N LYS A 35 -26.02 1.47 -7.32
CA LYS A 35 -26.53 1.06 -8.61
C LYS A 35 -25.95 -0.30 -9.00
N LEU A 36 -26.81 -1.20 -9.46
CA LEU A 36 -26.41 -2.53 -9.88
C LEU A 36 -26.61 -2.63 -11.40
N ARG A 37 -25.59 -3.11 -12.09
CA ARG A 37 -25.69 -3.27 -13.54
C ARG A 37 -26.11 -4.69 -13.90
N THR A 38 -26.91 -4.83 -14.94
CA THR A 38 -27.35 -6.13 -15.44
C THR A 38 -27.49 -5.90 -16.94
N PHE A 39 -27.58 -6.97 -17.73
CA PHE A 39 -27.78 -6.78 -19.16
C PHE A 39 -29.17 -6.15 -19.26
N LYS A 40 -29.40 -5.38 -20.31
CA LYS A 40 -30.69 -4.72 -20.50
C LYS A 40 -31.84 -5.73 -20.56
N GLY A 41 -32.89 -5.46 -19.79
CA GLY A 41 -34.06 -6.34 -19.75
C GLY A 41 -33.81 -7.76 -19.29
N ASP A 42 -32.71 -8.00 -18.58
CA ASP A 42 -32.37 -9.34 -18.13
C ASP A 42 -33.07 -9.86 -16.87
N ILE A 43 -33.51 -8.97 -16.00
CA ILE A 43 -34.12 -9.41 -14.74
C ILE A 43 -35.53 -8.88 -14.48
N THR A 44 -36.17 -9.40 -13.43
CA THR A 44 -37.52 -8.98 -13.05
C THR A 44 -37.50 -8.19 -11.74
N SER A 45 -36.47 -8.43 -10.91
CA SER A 45 -36.34 -7.72 -9.65
C SER A 45 -34.97 -7.93 -9.00
N ALA A 46 -34.58 -6.97 -8.17
CA ALA A 46 -33.30 -7.03 -7.46
C ALA A 46 -33.50 -6.36 -6.11
N ASN A 47 -32.77 -6.84 -5.10
CA ASN A 47 -32.88 -6.28 -3.77
C ASN A 47 -31.53 -6.14 -3.09
N ILE A 48 -31.40 -5.07 -2.33
CA ILE A 48 -30.17 -4.85 -1.57
C ILE A 48 -30.44 -5.41 -0.19
N LYS A 49 -29.58 -6.32 0.26
CA LYS A 49 -29.73 -6.92 1.58
C LYS A 49 -28.52 -6.44 2.36
N TYR A 50 -28.76 -5.75 3.48
CA TYR A 50 -27.64 -5.25 4.27
C TYR A 50 -27.76 -5.51 5.77
N TRP A 51 -26.63 -5.88 6.37
CA TRP A 51 -26.57 -6.14 7.80
C TRP A 51 -26.23 -4.82 8.49
N ASP A 52 -26.99 -4.47 9.53
CA ASP A 52 -26.73 -3.23 10.25
C ASP A 52 -26.21 -3.55 11.63
N THR A 53 -24.98 -3.11 11.92
CA THR A 53 -24.37 -3.36 13.21
C THR A 53 -25.11 -2.63 14.32
N ALA A 54 -25.98 -1.70 13.95
CA ALA A 54 -26.75 -0.96 14.92
C ALA A 54 -27.71 -1.90 15.64
N ASP A 55 -28.33 -2.82 14.90
CA ASP A 55 -29.26 -3.76 15.52
C ASP A 55 -28.99 -5.23 15.25
N ASN A 56 -27.80 -5.55 14.75
CA ASN A 56 -27.42 -6.93 14.48
C ASN A 56 -28.49 -7.69 13.69
N ALA A 57 -28.97 -7.09 12.59
CA ALA A 57 -30.00 -7.75 11.79
C ALA A 57 -29.95 -7.31 10.33
N PHE A 58 -30.50 -8.14 9.44
CA PHE A 58 -30.53 -7.84 8.02
C PHE A 58 -31.70 -6.94 7.68
N HIS A 59 -31.52 -6.08 6.68
CA HIS A 59 -32.54 -5.14 6.23
C HIS A 59 -32.67 -5.26 4.72
N TRP A 60 -33.89 -5.08 4.23
CA TRP A 60 -34.22 -5.24 2.80
C TRP A 60 -34.59 -3.96 2.05
N VAL A 61 -33.93 -3.71 0.92
CA VAL A 61 -34.21 -2.51 0.12
C VAL A 61 -34.45 -2.87 -1.35
N PRO A 62 -35.73 -2.96 -1.75
CA PRO A 62 -36.07 -3.29 -3.15
C PRO A 62 -35.49 -2.24 -4.10
N MET A 63 -34.91 -2.70 -5.21
CA MET A 63 -34.33 -1.78 -6.18
C MET A 63 -35.31 -1.47 -7.31
N VAL A 64 -35.10 -0.33 -7.96
CA VAL A 64 -35.95 0.07 -9.08
C VAL A 64 -35.07 0.38 -10.28
N TRP A 65 -35.59 0.13 -11.47
CA TRP A 65 -34.84 0.41 -12.69
C TRP A 65 -34.50 1.89 -12.71
N ASP A 66 -33.29 2.22 -13.16
CA ASP A 66 -32.87 3.62 -13.20
C ASP A 66 -32.56 4.11 -14.61
N SER A 67 -31.79 3.33 -15.37
CA SER A 67 -31.43 3.75 -16.72
C SER A 67 -30.65 2.69 -17.49
N ASN A 68 -30.31 3.03 -18.72
CA ASN A 68 -29.54 2.18 -19.61
C ASN A 68 -28.18 2.84 -19.76
N ASP A 69 -27.18 2.10 -20.24
CA ASP A 69 -25.87 2.69 -20.43
C ASP A 69 -25.93 3.31 -21.84
N PRO A 70 -24.93 4.13 -22.21
CA PRO A 70 -24.96 4.74 -23.54
C PRO A 70 -25.07 3.79 -24.73
N THR A 71 -24.58 2.55 -24.59
CA THR A 71 -24.64 1.60 -25.69
C THR A 71 -25.95 0.84 -25.78
N GLY A 72 -26.84 1.04 -24.80
CA GLY A 72 -28.12 0.36 -24.80
C GLY A 72 -27.96 -1.13 -24.56
N THR A 73 -26.82 -1.53 -24.00
CA THR A 73 -26.55 -2.94 -23.72
C THR A 73 -26.90 -3.35 -22.28
N PHE A 74 -26.77 -2.41 -21.34
CA PHE A 74 -27.05 -2.72 -19.93
C PHE A 74 -28.14 -1.87 -19.29
N ASP A 75 -28.62 -2.34 -18.14
CA ASP A 75 -29.61 -1.65 -17.33
C ASP A 75 -28.88 -1.31 -16.03
N TYR A 76 -29.32 -0.26 -15.35
CA TYR A 76 -28.74 0.10 -14.07
C TYR A 76 -29.90 0.17 -13.09
N TRP A 77 -29.88 -0.68 -12.07
CA TRP A 77 -30.93 -0.69 -11.07
C TRP A 77 -30.42 0.09 -9.86
N LYS A 78 -31.32 0.81 -9.19
CA LYS A 78 -30.95 1.65 -8.05
C LYS A 78 -31.66 1.33 -6.74
N GLY A 79 -30.95 1.60 -5.64
CA GLY A 79 -31.48 1.39 -4.31
C GLY A 79 -30.69 2.24 -3.33
N THR A 80 -31.34 2.72 -2.27
CA THR A 80 -30.66 3.57 -1.30
C THR A 80 -30.67 3.02 0.13
N ILE A 81 -29.51 3.02 0.75
CA ILE A 81 -29.35 2.57 2.13
C ILE A 81 -29.40 3.86 2.96
N PRO A 82 -30.34 3.92 3.93
CA PRO A 82 -30.52 5.09 4.80
C PRO A 82 -29.28 5.54 5.58
N ALA A 83 -29.27 6.82 5.94
CA ALA A 83 -28.15 7.41 6.68
C ALA A 83 -28.19 7.11 8.17
N SER A 84 -27.01 6.88 8.75
CA SER A 84 -26.87 6.61 10.18
C SER A 84 -25.38 6.44 10.48
N PRO A 85 -25.01 6.47 11.78
CA PRO A 85 -23.61 6.33 12.18
C PRO A 85 -23.07 4.90 12.16
N SER A 86 -23.97 3.92 12.03
CA SER A 86 -23.58 2.52 12.06
C SER A 86 -22.90 1.93 10.83
N ILE A 87 -21.99 0.99 11.09
CA ILE A 87 -21.29 0.29 10.03
C ILE A 87 -22.31 -0.70 9.47
N LYS A 88 -22.30 -0.87 8.15
CA LYS A 88 -23.23 -1.79 7.49
C LYS A 88 -22.50 -2.58 6.40
N TYR A 89 -22.99 -3.79 6.14
CA TYR A 89 -22.42 -4.66 5.12
C TYR A 89 -23.56 -5.03 4.17
N TYR A 90 -23.31 -5.04 2.87
CA TYR A 90 -24.39 -5.38 1.94
C TYR A 90 -24.02 -6.30 0.78
N ARG A 91 -25.05 -6.93 0.22
CA ARG A 91 -24.92 -7.84 -0.90
C ARG A 91 -26.20 -7.67 -1.71
N PHE A 92 -26.23 -8.18 -2.93
CA PHE A 92 -27.41 -8.05 -3.76
C PHE A 92 -28.05 -9.39 -4.09
N GLN A 93 -29.38 -9.42 -4.14
CA GLN A 93 -30.11 -10.63 -4.54
C GLN A 93 -30.70 -10.21 -5.88
N ILE A 94 -30.40 -10.95 -6.93
CA ILE A 94 -30.90 -10.61 -8.26
C ILE A 94 -31.81 -11.72 -8.78
N ASN A 95 -33.00 -11.35 -9.23
CA ASN A 95 -33.96 -12.34 -9.71
C ASN A 95 -34.48 -12.10 -11.13
N ASP A 96 -34.73 -13.20 -11.83
CA ASP A 96 -35.31 -13.17 -13.16
C ASP A 96 -36.21 -14.40 -13.18
N GLY A 97 -37.47 -14.21 -12.79
CA GLY A 97 -38.38 -15.33 -12.74
C GLY A 97 -37.87 -16.31 -11.72
N THR A 98 -37.78 -17.58 -12.09
CA THR A 98 -37.32 -18.64 -11.20
C THR A 98 -35.80 -18.70 -11.00
N SER A 99 -35.08 -17.73 -11.59
CA SER A 99 -33.63 -17.69 -11.47
C SER A 99 -33.17 -16.64 -10.45
N THR A 100 -32.31 -17.05 -9.54
CA THR A 100 -31.78 -16.14 -8.53
C THR A 100 -30.26 -16.26 -8.44
N ALA A 101 -29.60 -15.11 -8.32
CA ALA A 101 -28.16 -15.05 -8.20
C ALA A 101 -27.85 -14.02 -7.11
N TRP A 102 -26.68 -14.14 -6.50
CA TRP A 102 -26.27 -13.20 -5.47
C TRP A 102 -25.02 -12.50 -5.93
N TYR A 103 -24.73 -11.34 -5.35
CA TYR A 103 -23.56 -10.58 -5.75
C TYR A 103 -23.03 -9.71 -4.60
N ASN A 104 -21.73 -9.83 -4.32
CA ASN A 104 -21.12 -9.01 -3.29
C ASN A 104 -19.67 -8.72 -3.65
N GLY A 105 -18.84 -8.44 -2.66
CA GLY A 105 -17.45 -8.12 -2.92
C GLY A 105 -16.68 -9.16 -3.71
N ASN A 106 -17.13 -10.41 -3.64
CA ASN A 106 -16.45 -11.49 -4.34
C ASN A 106 -17.11 -11.83 -5.68
N GLY A 107 -17.99 -10.97 -6.16
CA GLY A 107 -18.63 -11.21 -7.43
C GLY A 107 -19.95 -11.98 -7.34
N PRO A 108 -20.41 -12.55 -8.47
CA PRO A 108 -21.66 -13.31 -8.54
C PRO A 108 -21.56 -14.70 -7.93
N SER A 109 -22.69 -15.20 -7.45
CA SER A 109 -22.75 -16.52 -6.84
C SER A 109 -24.18 -17.05 -6.94
N SER A 110 -24.32 -18.37 -7.03
CA SER A 110 -25.63 -18.99 -7.12
C SER A 110 -26.20 -19.12 -5.71
N THR A 111 -25.33 -19.48 -4.77
CA THR A 111 -25.73 -19.62 -3.38
C THR A 111 -25.44 -18.29 -2.67
N GLU A 112 -26.20 -17.98 -1.63
CA GLU A 112 -26.00 -16.74 -0.91
C GLU A 112 -24.70 -16.76 -0.11
N PRO A 113 -23.80 -15.81 -0.39
CA PRO A 113 -22.52 -15.75 0.34
C PRO A 113 -22.73 -15.35 1.80
N ASN A 114 -21.74 -15.64 2.63
CA ASN A 114 -21.80 -15.29 4.04
C ASN A 114 -20.55 -14.50 4.42
N ALA A 115 -19.79 -14.10 3.41
CA ALA A 115 -18.57 -13.33 3.61
C ALA A 115 -18.28 -12.46 2.39
N ASP A 116 -17.41 -11.47 2.57
CA ASP A 116 -17.02 -10.58 1.48
C ASP A 116 -18.10 -9.64 0.98
N ASP A 117 -18.96 -9.18 1.89
CA ASP A 117 -20.01 -8.23 1.54
C ASP A 117 -19.32 -6.87 1.36
N PHE A 118 -20.00 -5.94 0.69
CA PHE A 118 -19.43 -4.61 0.52
C PHE A 118 -19.56 -3.87 1.85
N TYR A 119 -18.70 -2.89 2.06
CA TYR A 119 -18.68 -2.12 3.31
C TYR A 119 -19.22 -0.70 3.25
N ILE A 120 -19.88 -0.29 4.32
CA ILE A 120 -20.35 1.08 4.49
C ILE A 120 -19.93 1.42 5.91
N ILE A 121 -18.94 2.29 6.03
CA ILE A 121 -18.42 2.68 7.34
C ILE A 121 -18.52 4.20 7.49
N PRO A 122 -19.65 4.68 8.01
CA PRO A 122 -19.89 6.12 8.20
C PRO A 122 -18.78 6.83 8.97
N ASN A 123 -18.38 7.98 8.46
CA ASN A 123 -17.34 8.82 9.08
C ASN A 123 -15.91 8.32 8.93
N PHE A 124 -15.73 7.17 8.28
CA PHE A 124 -14.39 6.63 8.06
C PHE A 124 -13.81 7.23 6.79
N LYS A 125 -12.67 7.91 6.91
CA LYS A 125 -12.03 8.57 5.77
C LYS A 125 -10.53 8.27 5.70
N THR A 126 -10.03 8.01 4.49
CA THR A 126 -8.59 7.80 4.31
C THR A 126 -8.17 8.99 3.45
N PRO A 127 -6.93 9.48 3.64
CA PRO A 127 -6.44 10.63 2.86
C PRO A 127 -6.58 10.46 1.35
N ASP A 128 -7.27 11.41 0.71
CA ASP A 128 -7.46 11.35 -0.73
C ASP A 128 -6.14 11.50 -1.48
N TRP A 129 -5.17 12.22 -0.91
CA TRP A 129 -3.89 12.37 -1.60
C TRP A 129 -3.20 11.02 -1.63
N LEU A 130 -3.50 10.16 -0.66
CA LEU A 130 -2.89 8.83 -0.62
C LEU A 130 -3.55 7.95 -1.69
N LYS A 131 -4.87 8.05 -1.82
CA LYS A 131 -5.61 7.28 -2.82
C LYS A 131 -5.13 7.60 -4.23
N ASN A 132 -4.89 8.88 -4.49
CA ASN A 132 -4.50 9.37 -5.81
C ASN A 132 -3.02 9.55 -6.10
N GLY A 133 -2.16 9.32 -5.11
CA GLY A 133 -0.75 9.53 -5.34
C GLY A 133 0.10 8.32 -5.70
N VAL A 134 1.38 8.60 -5.91
CA VAL A 134 2.37 7.56 -6.22
C VAL A 134 3.47 7.72 -5.19
N MET A 135 3.79 6.63 -4.49
CA MET A 135 4.78 6.66 -3.43
C MET A 135 6.16 6.16 -3.86
N TYR A 136 7.20 6.75 -3.28
CA TYR A 136 8.59 6.37 -3.57
C TYR A 136 9.24 6.06 -2.21
N GLN A 137 9.61 4.81 -1.98
CA GLN A 137 10.22 4.44 -0.70
C GLN A 137 11.74 4.53 -0.74
N ILE A 138 12.30 5.20 0.27
CA ILE A 138 13.74 5.40 0.37
C ILE A 138 14.37 4.88 1.65
N PHE A 139 15.44 4.11 1.49
CA PHE A 139 16.22 3.57 2.61
C PHE A 139 17.37 4.60 2.63
N PRO A 140 17.26 5.62 3.50
CA PRO A 140 18.17 6.75 3.73
C PRO A 140 19.66 6.62 3.41
N ASP A 141 20.35 5.72 4.08
CA ASP A 141 21.78 5.56 3.87
C ASP A 141 22.16 5.14 2.45
N ARG A 142 21.20 4.59 1.71
CA ARG A 142 21.49 4.10 0.35
C ARG A 142 20.97 4.88 -0.85
N PHE A 143 20.34 6.03 -0.62
CA PHE A 143 19.81 6.81 -1.74
C PHE A 143 20.80 7.81 -2.33
N TYR A 144 21.11 8.87 -1.59
CA TYR A 144 22.07 9.87 -2.08
C TYR A 144 22.76 10.63 -0.94
N ASN A 145 24.08 10.69 -1.03
CA ASN A 145 24.91 11.36 -0.04
C ASN A 145 25.01 12.84 -0.42
N GLY A 146 24.14 13.66 0.16
CA GLY A 146 24.16 15.08 -0.16
C GLY A 146 25.13 15.88 0.68
N ASP A 147 25.63 15.28 1.75
CA ASP A 147 26.58 15.95 2.65
C ASP A 147 27.55 14.92 3.20
N SER A 148 28.76 14.89 2.65
CA SER A 148 29.76 13.92 3.10
C SER A 148 30.38 14.25 4.46
N SER A 149 30.06 15.43 4.99
CA SER A 149 30.62 15.83 6.29
C SER A 149 30.00 15.08 7.46
N ASN A 150 28.80 14.55 7.27
CA ASN A 150 28.13 13.80 8.35
C ASN A 150 28.27 12.29 8.17
N ASP A 151 29.06 11.89 7.18
CA ASP A 151 29.25 10.47 6.91
C ASP A 151 29.83 9.71 8.07
N VAL A 152 29.32 8.50 8.29
CA VAL A 152 29.83 7.64 9.33
C VAL A 152 31.11 7.07 8.72
N GLN A 153 32.21 7.14 9.45
CA GLN A 153 33.49 6.64 8.96
C GLN A 153 33.77 5.29 9.61
N THR A 154 34.69 4.53 9.02
CA THR A 154 35.07 3.25 9.58
C THR A 154 35.69 3.55 10.94
N GLY A 155 35.09 3.00 12.00
CA GLY A 155 35.61 3.23 13.33
C GLY A 155 35.07 4.48 14.01
N SER A 156 34.10 5.16 13.40
CA SER A 156 33.53 6.36 14.02
C SER A 156 33.03 6.02 15.42
N TYR A 157 32.44 4.84 15.55
CA TYR A 157 31.94 4.37 16.84
C TYR A 157 31.70 2.87 16.78
N THR A 158 31.43 2.28 17.94
CA THR A 158 31.17 0.85 18.00
C THR A 158 29.82 0.57 18.61
N TYR A 159 29.23 -0.56 18.23
CA TYR A 159 27.95 -0.98 18.77
C TYR A 159 28.10 -2.45 19.14
N ASN A 160 27.87 -2.74 20.42
CA ASN A 160 28.02 -4.09 20.95
C ASN A 160 29.40 -4.63 20.61
N GLY A 161 30.40 -3.76 20.73
CA GLY A 161 31.78 -4.13 20.46
C GLY A 161 32.28 -4.06 19.04
N THR A 162 31.37 -3.95 18.07
CA THR A 162 31.78 -3.91 16.67
C THR A 162 31.86 -2.50 16.09
N PRO A 163 32.98 -2.19 15.41
CA PRO A 163 33.14 -0.86 14.81
C PRO A 163 32.36 -0.72 13.52
N THR A 164 31.96 0.52 13.22
CA THR A 164 31.21 0.79 11.99
C THR A 164 32.19 0.74 10.83
N GLU A 165 31.67 0.46 9.63
CA GLU A 165 32.49 0.41 8.43
C GLU A 165 31.87 1.26 7.34
N LYS A 166 32.68 2.11 6.72
CA LYS A 166 32.22 2.95 5.64
C LYS A 166 32.57 2.19 4.36
N LYS A 167 31.70 2.24 3.36
CA LYS A 167 31.97 1.57 2.10
C LYS A 167 31.73 2.51 0.92
N ALA A 168 32.61 2.41 -0.08
CA ALA A 168 32.51 3.23 -1.27
C ALA A 168 31.16 3.07 -1.95
N TRP A 169 30.61 4.17 -2.45
CA TRP A 169 29.33 4.13 -3.12
C TRP A 169 29.34 3.10 -4.24
N GLY A 170 28.27 2.34 -4.32
CA GLY A 170 28.15 1.33 -5.36
C GLY A 170 28.77 -0.02 -5.04
N SER A 171 29.57 -0.11 -3.97
CA SER A 171 30.21 -1.37 -3.61
C SER A 171 29.27 -2.32 -2.86
N SER A 172 29.70 -3.56 -2.68
CA SER A 172 28.90 -4.57 -1.98
C SER A 172 28.44 -4.14 -0.60
N VAL A 173 27.20 -4.48 -0.24
CA VAL A 173 26.67 -4.11 1.07
C VAL A 173 27.21 -5.00 2.19
N TYR A 174 27.72 -6.18 1.83
CA TYR A 174 28.24 -7.10 2.82
C TYR A 174 29.49 -6.57 3.51
N ALA A 175 29.45 -6.57 4.85
CA ALA A 175 30.58 -6.07 5.63
C ALA A 175 31.82 -6.92 5.39
N ASP A 176 33.00 -6.29 5.43
CA ASP A 176 34.24 -7.01 5.25
C ASP A 176 34.57 -7.70 6.57
N PRO A 177 35.46 -8.70 6.55
CA PRO A 177 35.83 -9.43 7.79
C PRO A 177 36.10 -8.49 8.97
N GLY A 178 35.46 -8.77 10.10
CA GLY A 178 35.66 -7.94 11.27
C GLY A 178 34.58 -6.88 11.45
N TYR A 179 33.75 -6.69 10.43
CA TYR A 179 32.68 -5.70 10.50
C TYR A 179 31.32 -6.38 10.49
N ASP A 180 30.25 -5.62 10.70
CA ASP A 180 28.90 -6.18 10.73
C ASP A 180 28.00 -5.60 9.65
N ASN A 181 27.15 -6.45 9.06
CA ASN A 181 26.24 -6.02 8.00
C ASN A 181 25.33 -4.88 8.45
N SER A 182 24.95 -4.85 9.72
CA SER A 182 24.07 -3.82 10.25
C SER A 182 24.83 -2.54 10.60
N LEU A 183 26.15 -2.56 10.43
CA LEU A 183 26.97 -1.40 10.74
C LEU A 183 27.80 -0.97 9.53
N VAL A 184 27.22 -1.14 8.35
CA VAL A 184 27.84 -0.74 7.09
C VAL A 184 27.12 0.52 6.62
N PHE A 185 27.86 1.59 6.39
CA PHE A 185 27.27 2.85 5.96
C PHE A 185 27.84 3.41 4.66
N PHE A 186 26.96 3.81 3.75
CA PHE A 186 27.37 4.37 2.47
C PHE A 186 27.38 5.89 2.43
N GLY A 187 26.62 6.53 3.34
CA GLY A 187 26.61 8.00 3.37
C GLY A 187 25.31 8.71 3.00
N GLY A 188 24.30 7.96 2.57
CA GLY A 188 23.03 8.58 2.20
C GLY A 188 22.47 9.38 3.36
N ASP A 189 21.90 10.56 3.07
CA ASP A 189 21.34 11.41 4.12
C ASP A 189 20.12 12.22 3.67
N LEU A 190 19.59 13.03 4.58
CA LEU A 190 18.42 13.85 4.28
C LEU A 190 18.72 14.96 3.29
N ALA A 191 19.94 15.50 3.34
CA ALA A 191 20.33 16.55 2.41
C ALA A 191 20.29 15.97 1.00
N GLY A 192 20.73 14.72 0.89
CA GLY A 192 20.74 14.06 -0.41
C GLY A 192 19.35 13.90 -0.98
N ILE A 193 18.43 13.43 -0.16
CA ILE A 193 17.05 13.25 -0.59
C ILE A 193 16.52 14.59 -1.07
N ASP A 194 16.82 15.64 -0.32
CA ASP A 194 16.39 16.99 -0.64
C ASP A 194 16.89 17.41 -2.01
N GLN A 195 18.18 17.24 -2.26
CA GLN A 195 18.79 17.62 -3.53
C GLN A 195 18.27 16.78 -4.69
N LYS A 196 17.65 15.63 -4.38
CA LYS A 196 17.12 14.75 -5.41
C LYS A 196 15.60 14.78 -5.53
N LEU A 197 14.95 15.76 -4.91
CA LEU A 197 13.50 15.85 -5.00
C LEU A 197 13.06 16.06 -6.45
N GLY A 198 13.91 16.71 -7.23
CA GLY A 198 13.59 16.94 -8.63
C GLY A 198 13.47 15.63 -9.39
N TYR A 199 14.40 14.71 -9.13
CA TYR A 199 14.37 13.41 -9.79
C TYR A 199 13.08 12.67 -9.42
N ILE A 200 12.77 12.65 -8.14
CA ILE A 200 11.58 11.97 -7.63
C ILE A 200 10.26 12.57 -8.11
N LYS A 201 10.10 13.87 -7.92
CA LYS A 201 8.86 14.55 -8.28
C LYS A 201 8.70 14.95 -9.75
N LYS A 202 9.79 15.10 -10.48
CA LYS A 202 9.70 15.47 -11.89
C LYS A 202 10.12 14.38 -12.87
N THR A 203 11.32 13.86 -12.71
CA THR A 203 11.79 12.81 -13.62
C THR A 203 10.88 11.58 -13.54
N LEU A 204 10.48 11.20 -12.33
CA LEU A 204 9.59 10.06 -12.16
C LEU A 204 8.14 10.55 -12.06
N GLY A 205 7.87 11.45 -11.12
CA GLY A 205 6.52 11.97 -10.95
C GLY A 205 5.82 11.58 -9.66
N ALA A 206 6.52 10.86 -8.78
CA ALA A 206 5.93 10.46 -7.51
C ALA A 206 5.75 11.69 -6.63
N ASN A 207 4.68 11.74 -5.86
CA ASN A 207 4.43 12.88 -4.98
C ASN A 207 4.40 12.51 -3.50
N ILE A 208 4.71 11.25 -3.19
CA ILE A 208 4.74 10.80 -1.81
C ILE A 208 6.05 10.10 -1.51
N LEU A 209 6.72 10.51 -0.45
CA LEU A 209 7.96 9.88 -0.05
C LEU A 209 7.74 9.12 1.25
N TYR A 210 8.24 7.89 1.29
CA TYR A 210 8.15 7.06 2.49
C TYR A 210 9.59 6.71 2.85
N LEU A 211 10.05 7.15 4.01
CA LEU A 211 11.40 6.88 4.44
C LEU A 211 11.46 5.80 5.51
N ASN A 212 12.51 5.00 5.47
CA ASN A 212 12.72 3.99 6.49
C ASN A 212 13.24 4.83 7.68
N PRO A 213 13.37 4.24 8.87
CA PRO A 213 13.83 4.96 10.06
C PRO A 213 14.93 6.00 9.88
N ILE A 214 14.72 7.18 10.47
CA ILE A 214 15.70 8.27 10.38
C ILE A 214 16.10 8.84 11.74
N PHE A 215 15.55 8.28 12.81
CA PHE A 215 15.88 8.77 14.15
C PHE A 215 17.13 8.10 14.70
N LYS A 216 17.79 8.77 15.64
CA LYS A 216 19.03 8.26 16.23
C LYS A 216 18.96 6.77 16.59
N ALA A 217 19.92 6.04 16.07
CA ALA A 217 20.04 4.60 16.28
C ALA A 217 21.42 4.20 15.76
N PRO A 218 22.08 3.24 16.42
CA PRO A 218 23.42 2.82 15.99
C PRO A 218 23.56 2.06 14.65
N THR A 219 22.55 1.27 14.27
CA THR A 219 22.63 0.50 13.02
C THR A 219 22.36 1.31 11.76
N ASN A 220 22.48 0.67 10.60
CA ASN A 220 22.23 1.35 9.33
C ASN A 220 20.77 1.33 8.93
N HIS A 221 19.98 0.41 9.52
CA HIS A 221 18.55 0.34 9.20
C HIS A 221 17.81 1.20 10.22
N LYS A 222 18.37 1.25 11.42
CA LYS A 222 17.85 2.05 12.52
C LYS A 222 16.47 1.71 13.09
N TYR A 223 16.12 0.43 13.11
CA TYR A 223 14.85 0.05 13.70
C TYR A 223 15.09 -0.20 15.19
N ASP A 224 16.34 -0.02 15.61
CA ASP A 224 16.73 -0.19 17.01
C ASP A 224 16.92 1.21 17.58
N THR A 225 15.81 1.96 17.60
CA THR A 225 15.78 3.35 18.06
C THR A 225 16.47 3.64 19.39
N GLN A 226 17.27 4.70 19.40
CA GLN A 226 18.00 5.14 20.59
C GLN A 226 17.38 6.44 21.10
N ASP A 227 16.88 7.26 20.19
CA ASP A 227 16.24 8.53 20.53
C ASP A 227 15.27 8.98 19.44
N TYR A 228 13.97 8.80 19.69
CA TYR A 228 12.94 9.19 18.73
C TYR A 228 12.91 10.70 18.48
N MET A 229 13.37 11.48 19.44
CA MET A 229 13.35 12.94 19.30
C MET A 229 14.45 13.56 18.47
N ALA A 230 15.42 12.75 18.03
CA ALA A 230 16.50 13.30 17.24
C ALA A 230 16.78 12.56 15.95
N VAL A 231 16.93 13.32 14.86
CA VAL A 231 17.26 12.71 13.58
C VAL A 231 18.66 12.18 13.82
N ASP A 232 18.99 11.03 13.24
CA ASP A 232 20.32 10.47 13.45
C ASP A 232 21.36 11.40 12.81
N PRO A 233 22.43 11.74 13.56
CA PRO A 233 23.51 12.62 13.09
C PRO A 233 24.03 12.28 11.70
N ALA A 234 24.06 11.00 11.36
CA ALA A 234 24.53 10.59 10.04
C ALA A 234 23.63 11.13 8.93
N PHE A 235 22.34 11.27 9.23
CA PHE A 235 21.37 11.75 8.26
C PHE A 235 21.19 13.27 8.26
N GLY A 236 21.64 13.92 9.33
CA GLY A 236 21.52 15.36 9.46
C GLY A 236 21.01 15.69 10.85
N ASP A 237 20.38 16.84 11.03
CA ASP A 237 19.83 17.21 12.33
C ASP A 237 18.35 17.52 12.11
N ASN A 238 17.62 17.76 13.21
CA ASN A 238 16.19 18.04 13.10
C ASN A 238 15.88 19.22 12.20
N SER A 239 16.82 20.15 12.11
CA SER A 239 16.64 21.32 11.25
C SER A 239 16.67 20.87 9.80
N THR A 240 17.54 19.90 9.49
CA THR A 240 17.64 19.37 8.14
C THR A 240 16.30 18.74 7.74
N LEU A 241 15.69 18.02 8.67
CA LEU A 241 14.41 17.37 8.43
C LEU A 241 13.35 18.42 8.14
N GLN A 242 13.36 19.51 8.92
CA GLN A 242 12.39 20.58 8.72
C GLN A 242 12.50 21.16 7.31
N THR A 243 13.73 21.32 6.85
CA THR A 243 13.96 21.86 5.51
C THR A 243 13.51 20.87 4.45
N LEU A 244 13.86 19.60 4.63
CA LEU A 244 13.47 18.56 3.68
C LEU A 244 11.95 18.52 3.56
N ILE A 245 11.27 18.59 4.70
CA ILE A 245 9.80 18.58 4.71
C ILE A 245 9.27 19.78 3.95
N ASN A 246 9.84 20.96 4.21
CA ASN A 246 9.40 22.18 3.52
C ASN A 246 9.60 22.03 2.01
N ASP A 247 10.74 21.47 1.60
CA ASP A 247 11.01 21.30 0.18
C ASP A 247 10.12 20.22 -0.44
N ILE A 248 9.70 19.24 0.35
CA ILE A 248 8.82 18.18 -0.14
C ILE A 248 7.43 18.78 -0.38
N HIS A 249 6.94 19.55 0.60
CA HIS A 249 5.64 20.18 0.51
C HIS A 249 5.59 21.28 -0.55
N SER A 250 6.74 21.85 -0.87
CA SER A 250 6.85 22.92 -1.86
C SER A 250 6.53 22.49 -3.29
N THR A 251 6.16 23.45 -4.12
CA THR A 251 5.87 23.18 -5.52
C THR A 251 6.92 23.79 -6.45
N ALA A 252 8.01 24.30 -5.88
CA ALA A 252 9.09 24.90 -6.65
C ALA A 252 9.98 23.86 -7.32
N ASN A 253 9.91 22.62 -6.84
CA ASN A 253 10.73 21.55 -7.38
C ASN A 253 9.86 20.45 -8.00
N GLY A 254 8.59 20.75 -8.18
CA GLY A 254 7.66 19.79 -8.76
C GLY A 254 6.32 19.87 -8.05
N PRO A 255 5.40 18.93 -8.31
CA PRO A 255 4.07 18.95 -7.66
C PRO A 255 4.18 18.88 -6.14
N LYS A 256 3.13 19.32 -5.45
CA LYS A 256 3.14 19.28 -3.99
C LYS A 256 3.45 17.85 -3.54
N GLY A 257 4.29 17.71 -2.52
CA GLY A 257 4.66 16.39 -2.04
C GLY A 257 4.17 16.09 -0.63
N TYR A 258 4.31 14.82 -0.23
CA TYR A 258 3.90 14.35 1.08
C TYR A 258 4.99 13.45 1.64
N LEU A 259 5.18 13.50 2.96
CA LEU A 259 6.20 12.68 3.60
C LEU A 259 5.62 11.73 4.64
N ILE A 260 5.99 10.46 4.54
CA ILE A 260 5.54 9.45 5.48
C ILE A 260 6.78 8.87 6.17
N LEU A 261 6.80 8.90 7.49
CA LEU A 261 7.92 8.38 8.24
C LEU A 261 7.64 6.96 8.74
N ASP A 262 8.71 6.23 9.05
CA ASP A 262 8.57 4.88 9.54
C ASP A 262 8.48 5.00 11.06
N GLY A 263 7.38 4.53 11.63
CA GLY A 263 7.19 4.58 13.08
C GLY A 263 7.48 3.24 13.71
N VAL A 264 8.59 3.15 14.45
CA VAL A 264 8.97 1.90 15.10
C VAL A 264 8.52 2.00 16.56
N PHE A 265 7.26 1.64 16.80
CA PHE A 265 6.67 1.74 18.13
C PHE A 265 6.48 0.48 18.95
N ASN A 266 6.71 -0.69 18.35
CA ASN A 266 6.53 -1.94 19.09
C ASN A 266 7.68 -2.17 20.05
N HIS A 267 8.84 -1.61 19.71
CA HIS A 267 10.05 -1.79 20.52
C HIS A 267 11.04 -0.64 20.31
N THR A 268 12.06 -0.59 21.17
CA THR A 268 13.11 0.40 21.06
C THR A 268 14.37 -0.43 20.83
N GLY A 269 15.50 0.23 20.63
CA GLY A 269 16.74 -0.50 20.47
C GLY A 269 17.23 -0.78 21.88
N ASP A 270 18.16 -1.73 22.03
CA ASP A 270 18.67 -2.05 23.36
C ASP A 270 19.62 -0.98 23.88
N SER A 271 19.95 -0.01 23.03
CA SER A 271 20.85 1.07 23.45
C SER A 271 20.08 2.34 23.79
N HIS A 272 18.75 2.27 23.77
CA HIS A 272 17.92 3.43 24.12
C HIS A 272 18.10 3.69 25.61
N PRO A 273 18.24 4.97 26.02
CA PRO A 273 18.42 5.26 27.45
C PRO A 273 17.37 4.64 28.40
N TRP A 274 16.15 4.40 27.91
CA TRP A 274 15.13 3.80 28.75
C TRP A 274 15.50 2.37 29.14
N PHE A 275 16.34 1.75 28.31
CA PHE A 275 16.79 0.37 28.53
C PHE A 275 18.27 0.38 28.92
N ASP A 276 19.07 1.02 28.06
CA ASP A 276 20.52 1.19 28.24
C ASP A 276 21.29 -0.06 28.62
N LYS A 277 21.21 -1.08 27.75
CA LYS A 277 21.90 -2.34 28.00
C LYS A 277 23.42 -2.24 28.09
N TYR A 278 24.02 -1.29 27.38
CA TYR A 278 25.48 -1.16 27.39
C TYR A 278 25.98 0.02 28.22
N ASN A 279 25.09 0.60 29.01
CA ASN A 279 25.40 1.74 29.86
C ASN A 279 26.08 2.87 29.09
N ASN A 280 25.40 3.36 28.05
CA ASN A 280 25.92 4.46 27.26
C ASN A 280 25.48 5.78 27.86
N PHE A 281 24.67 5.73 28.91
CA PHE A 281 24.18 6.94 29.55
C PHE A 281 24.31 6.86 31.07
N SER A 282 24.55 7.99 31.72
CA SER A 282 24.70 8.03 33.17
C SER A 282 23.40 7.64 33.86
N SER A 283 22.28 7.89 33.20
CA SER A 283 20.98 7.54 33.76
C SER A 283 20.86 6.02 33.81
N GLN A 284 20.02 5.50 34.68
CA GLN A 284 19.84 4.06 34.81
C GLN A 284 18.64 3.54 34.04
N GLY A 285 18.92 2.75 33.00
CA GLY A 285 17.85 2.19 32.19
C GLY A 285 17.26 0.93 32.79
N ALA A 286 16.13 0.49 32.24
CA ALA A 286 15.43 -0.70 32.72
C ALA A 286 16.34 -1.92 32.87
N TYR A 287 17.25 -2.12 31.93
CA TYR A 287 18.16 -3.26 31.97
C TYR A 287 19.12 -3.14 33.14
N GLU A 288 19.48 -1.90 33.48
CA GLU A 288 20.43 -1.62 34.55
C GLU A 288 19.89 -1.67 35.97
N SER A 289 18.65 -1.24 36.18
CA SER A 289 18.09 -1.24 37.51
C SER A 289 16.58 -1.42 37.55
N GLN A 290 16.11 -2.22 38.50
CA GLN A 290 14.68 -2.46 38.65
C GLN A 290 14.05 -1.22 39.30
N SER A 291 14.90 -0.25 39.66
CA SER A 291 14.44 1.00 40.26
C SER A 291 14.45 2.10 39.20
N SER A 292 14.80 1.72 37.98
CA SER A 292 14.85 2.66 36.87
C SER A 292 13.48 3.30 36.65
N PRO A 293 13.44 4.61 36.40
CA PRO A 293 12.14 5.27 36.18
C PRO A 293 11.41 4.73 34.97
N TRP A 294 12.11 4.02 34.09
CA TRP A 294 11.53 3.46 32.88
C TRP A 294 11.45 1.93 32.96
N TYR A 295 11.65 1.39 34.15
CA TYR A 295 11.62 -0.06 34.32
C TYR A 295 10.36 -0.71 33.77
N ASN A 296 9.20 -0.13 34.06
CA ASN A 296 7.94 -0.68 33.60
C ASN A 296 7.62 -0.44 32.14
N TYR A 297 8.55 0.17 31.40
CA TYR A 297 8.35 0.41 29.97
C TYR A 297 8.58 -0.90 29.21
N TYR A 298 9.24 -1.84 29.87
CA TYR A 298 9.54 -3.12 29.26
C TYR A 298 9.01 -4.28 30.09
N THR A 299 9.16 -5.50 29.56
CA THR A 299 8.68 -6.69 30.26
C THR A 299 9.81 -7.71 30.44
N PHE A 300 10.16 -7.98 31.70
CA PHE A 300 11.21 -8.95 31.99
C PHE A 300 10.65 -10.26 32.50
N TYR A 301 11.12 -11.36 31.92
CA TYR A 301 10.70 -12.69 32.35
C TYR A 301 11.63 -13.08 33.48
N THR A 302 12.91 -12.75 33.31
CA THR A 302 13.93 -12.99 34.32
C THR A 302 14.90 -11.82 34.18
N TRP A 303 14.70 -10.80 35.00
CA TRP A 303 15.54 -9.60 34.95
C TRP A 303 17.00 -9.96 35.20
N PRO A 304 17.93 -9.39 34.42
CA PRO A 304 17.69 -8.45 33.32
C PRO A 304 17.90 -9.04 31.93
N ASP A 305 18.41 -10.26 31.87
CA ASP A 305 18.72 -10.88 30.57
C ASP A 305 17.59 -11.52 29.77
N SER A 306 16.48 -11.86 30.41
CA SER A 306 15.37 -12.46 29.68
C SER A 306 14.20 -11.49 29.66
N TYR A 307 13.92 -10.94 28.48
CA TYR A 307 12.84 -9.96 28.35
C TYR A 307 12.13 -10.05 27.00
N ALA A 308 10.90 -9.57 26.96
CA ALA A 308 10.11 -9.58 25.74
C ALA A 308 10.83 -8.71 24.71
N SER A 309 10.83 -9.15 23.46
CA SER A 309 11.49 -8.42 22.39
C SER A 309 10.84 -8.75 21.06
N PHE A 310 11.32 -8.13 20.00
CA PHE A 310 10.78 -8.40 18.68
C PHE A 310 11.33 -9.72 18.14
N LEU A 311 10.44 -10.70 18.00
CA LEU A 311 10.82 -12.02 17.48
C LEU A 311 12.00 -12.68 18.19
N GLY A 312 12.22 -12.32 19.45
CA GLY A 312 13.33 -12.91 20.18
C GLY A 312 14.66 -12.21 20.01
N PHE A 313 14.67 -11.13 19.23
CA PHE A 313 15.91 -10.37 19.03
C PHE A 313 16.18 -9.49 20.24
N ASN A 314 17.15 -9.88 21.05
CA ASN A 314 17.51 -9.14 22.26
C ASN A 314 17.85 -7.67 22.05
N SER A 315 18.22 -7.29 20.84
CA SER A 315 18.57 -5.90 20.57
C SER A 315 17.33 -5.03 20.38
N LEU A 316 16.16 -5.66 20.40
CA LEU A 316 14.90 -4.93 20.22
C LEU A 316 13.90 -5.18 21.35
N PRO A 317 14.19 -4.71 22.57
CA PRO A 317 13.28 -4.91 23.69
C PRO A 317 11.89 -4.34 23.40
N LYS A 318 10.87 -5.17 23.61
CA LYS A 318 9.48 -4.82 23.36
C LYS A 318 8.90 -3.87 24.41
N LEU A 319 8.20 -2.82 23.94
CA LEU A 319 7.59 -1.84 24.83
C LEU A 319 6.29 -2.34 25.45
N ASN A 320 6.11 -2.06 26.73
CA ASN A 320 4.91 -2.45 27.46
C ASN A 320 3.90 -1.30 27.45
N TYR A 321 2.86 -1.44 26.65
CA TYR A 321 1.84 -0.40 26.51
C TYR A 321 0.86 -0.30 27.69
N GLY A 322 0.85 -1.31 28.56
CA GLY A 322 -0.05 -1.28 29.70
C GLY A 322 -1.49 -0.96 29.34
N ASN A 323 -2.19 -0.29 30.25
CA ASN A 323 -3.58 0.11 30.03
C ASN A 323 -3.68 1.54 29.50
N SER A 324 -4.88 1.91 29.06
CA SER A 324 -5.11 3.27 28.54
C SER A 324 -4.58 4.29 29.55
N GLY A 325 -3.97 5.35 29.05
CA GLY A 325 -3.42 6.38 29.92
C GLY A 325 -2.02 6.11 30.45
N SER A 326 -1.45 4.97 30.08
CA SER A 326 -0.10 4.61 30.53
C SER A 326 0.96 5.57 29.99
N ALA A 327 2.11 5.58 30.65
CA ALA A 327 3.23 6.42 30.24
C ALA A 327 3.72 6.07 28.85
N VAL A 328 3.72 4.78 28.52
CA VAL A 328 4.18 4.34 27.21
C VAL A 328 3.25 4.82 26.10
N ARG A 329 1.94 4.64 26.28
CA ARG A 329 1.00 5.11 25.27
C ARG A 329 1.20 6.62 25.17
N GLY A 330 1.59 7.22 26.29
CA GLY A 330 1.84 8.65 26.33
C GLY A 330 3.00 9.10 25.47
N VAL A 331 4.17 8.50 25.64
CA VAL A 331 5.34 8.90 24.85
C VAL A 331 5.26 8.47 23.39
N ILE A 332 4.40 7.49 23.09
CA ILE A 332 4.27 7.02 21.72
C ILE A 332 3.26 7.83 20.91
N TYR A 333 2.08 8.11 21.49
CA TYR A 333 1.07 8.86 20.75
C TYR A 333 0.13 9.83 21.47
N ASN A 334 -0.14 9.60 22.75
CA ASN A 334 -1.06 10.49 23.47
C ASN A 334 -0.52 11.88 23.77
N ASN A 335 0.73 11.95 24.24
CA ASN A 335 1.33 13.25 24.55
C ASN A 335 1.53 14.12 23.32
N SER A 336 1.46 15.42 23.54
CA SER A 336 1.68 16.38 22.48
C SER A 336 3.14 16.25 22.05
N ASN A 337 3.99 15.83 22.98
CA ASN A 337 5.41 15.66 22.70
C ASN A 337 5.75 14.19 22.45
N SER A 338 4.74 13.40 22.09
CA SER A 338 4.96 11.98 21.80
C SER A 338 5.65 11.88 20.44
N VAL A 339 6.13 10.70 20.09
CA VAL A 339 6.78 10.52 18.79
C VAL A 339 5.79 10.84 17.67
N ALA A 340 4.59 10.27 17.77
CA ALA A 340 3.55 10.46 16.76
C ALA A 340 3.13 11.91 16.56
N LYS A 341 2.80 12.61 17.65
CA LYS A 341 2.37 13.99 17.54
C LYS A 341 3.50 14.99 17.28
N THR A 342 4.66 14.77 17.87
CA THR A 342 5.78 15.68 17.67
C THR A 342 6.02 15.95 16.18
N TYR A 343 6.10 14.90 15.39
CA TYR A 343 6.37 15.07 13.96
C TYR A 343 5.16 15.43 13.10
N LEU A 344 3.96 15.25 13.64
CA LEU A 344 2.74 15.59 12.90
C LEU A 344 2.42 17.08 13.12
N ASN A 345 2.90 17.62 14.24
CA ASN A 345 2.70 19.02 14.59
C ASN A 345 3.85 19.86 14.08
N PRO A 346 3.62 21.17 13.87
CA PRO A 346 4.75 21.97 13.39
C PRO A 346 5.79 21.97 14.52
N PRO A 347 7.04 22.35 14.23
CA PRO A 347 7.60 22.78 12.94
C PRO A 347 7.84 21.67 11.92
N TYR A 348 7.32 20.48 12.18
CA TYR A 348 7.52 19.37 11.25
C TYR A 348 6.34 19.17 10.30
N SER A 349 5.19 18.79 10.86
CA SER A 349 3.99 18.57 10.07
C SER A 349 4.16 17.54 8.96
N VAL A 350 4.68 16.36 9.31
CA VAL A 350 4.86 15.31 8.32
C VAL A 350 3.44 14.84 7.95
N ASP A 351 3.33 14.00 6.93
CA ASP A 351 2.01 13.57 6.47
C ASP A 351 1.51 12.18 6.82
N GLY A 352 2.27 11.43 7.60
CA GLY A 352 1.80 10.10 7.96
C GLY A 352 2.85 9.20 8.55
N TRP A 353 2.39 8.03 9.01
CA TRP A 353 3.28 7.04 9.60
C TRP A 353 3.06 5.65 9.04
N ARG A 354 4.16 4.93 8.85
CA ARG A 354 4.13 3.55 8.40
C ARG A 354 4.48 2.80 9.69
N LEU A 355 3.49 2.09 10.24
CA LEU A 355 3.66 1.37 11.51
C LEU A 355 4.39 0.03 11.43
N ASN A 356 5.67 0.04 11.82
CA ASN A 356 6.48 -1.17 11.81
C ASN A 356 5.95 -2.18 12.83
N ALA A 357 5.98 -3.46 12.45
CA ALA A 357 5.54 -4.55 13.32
C ALA A 357 4.27 -4.24 14.11
N ALA A 358 3.34 -3.53 13.48
CA ALA A 358 2.09 -3.12 14.13
C ALA A 358 1.24 -4.21 14.76
N GLN A 359 1.32 -5.43 14.26
CA GLN A 359 0.51 -6.51 14.80
C GLN A 359 0.92 -6.94 16.20
N TYR A 360 2.18 -6.68 16.57
CA TYR A 360 2.69 -7.10 17.87
C TYR A 360 2.50 -6.13 19.02
N VAL A 361 2.26 -4.87 18.72
CA VAL A 361 2.07 -3.86 19.77
C VAL A 361 1.08 -4.38 20.81
N ASP A 362 1.49 -4.34 22.08
CA ASP A 362 0.63 -4.87 23.14
C ASP A 362 1.19 -4.51 24.52
N ALA A 363 0.51 -4.97 25.55
CA ALA A 363 0.92 -4.74 26.92
C ALA A 363 1.42 -6.05 27.53
N ASN A 364 2.22 -5.94 28.59
CA ASN A 364 2.72 -7.10 29.33
C ASN A 364 3.55 -8.13 28.58
N GLY A 365 4.11 -7.73 27.43
CA GLY A 365 4.91 -8.66 26.67
C GLY A 365 4.14 -9.63 25.78
N ASN A 366 2.82 -9.45 25.69
CA ASN A 366 2.02 -10.32 24.82
C ASN A 366 2.32 -9.99 23.36
N ASN A 367 1.94 -10.89 22.45
CA ASN A 367 2.21 -10.72 21.02
C ASN A 367 1.20 -10.00 20.13
N GLY A 368 0.29 -9.25 20.72
CA GLY A 368 -0.67 -8.52 19.93
C GLY A 368 -1.73 -9.35 19.22
N SER A 369 -2.25 -8.81 18.11
CA SER A 369 -3.29 -9.47 17.34
C SER A 369 -4.39 -9.90 18.31
N ASP A 370 -4.67 -9.03 19.28
CA ASP A 370 -5.69 -9.29 20.29
C ASP A 370 -6.46 -8.01 20.57
N VAL A 371 -7.38 -8.07 21.52
CA VAL A 371 -8.19 -6.92 21.86
C VAL A 371 -7.39 -5.68 22.26
N THR A 372 -6.35 -5.88 23.07
CA THR A 372 -5.53 -4.76 23.53
C THR A 372 -4.82 -4.08 22.36
N ASN A 373 -4.27 -4.88 21.45
CA ASN A 373 -3.58 -4.37 20.28
C ASN A 373 -4.50 -3.47 19.45
N HIS A 374 -5.72 -3.92 19.21
CA HIS A 374 -6.68 -3.14 18.43
C HIS A 374 -7.17 -1.89 19.15
N GLN A 375 -7.24 -1.99 20.47
CA GLN A 375 -7.68 -0.88 21.30
C GLN A 375 -6.60 0.19 21.22
N ILE A 376 -5.34 -0.23 21.24
CA ILE A 376 -4.21 0.70 21.16
C ILE A 376 -4.21 1.46 19.83
N TRP A 377 -4.37 0.74 18.72
CA TRP A 377 -4.38 1.38 17.40
C TRP A 377 -5.59 2.28 17.22
N SER A 378 -6.67 2.00 17.97
CA SER A 378 -7.87 2.81 17.91
C SER A 378 -7.54 4.16 18.54
N GLU A 379 -6.88 4.13 19.69
CA GLU A 379 -6.49 5.35 20.39
C GLU A 379 -5.46 6.08 19.54
N PHE A 380 -4.59 5.32 18.89
CA PHE A 380 -3.56 5.90 18.03
C PHE A 380 -4.22 6.73 16.93
N ARG A 381 -5.26 6.18 16.31
CA ARG A 381 -5.95 6.90 15.24
C ARG A 381 -6.56 8.20 15.75
N ASN A 382 -7.20 8.16 16.93
CA ASN A 382 -7.81 9.36 17.48
C ASN A 382 -6.74 10.43 17.73
N ALA A 383 -5.57 9.99 18.19
CA ALA A 383 -4.47 10.91 18.46
C ALA A 383 -3.96 11.56 17.17
N VAL A 384 -3.63 10.73 16.19
CA VAL A 384 -3.13 11.22 14.91
C VAL A 384 -4.12 12.10 14.15
N LYS A 385 -5.33 11.58 13.93
CA LYS A 385 -6.34 12.32 13.20
C LYS A 385 -6.77 13.58 13.92
N GLY A 386 -6.58 13.61 15.24
CA GLY A 386 -6.95 14.80 16.01
C GLY A 386 -5.97 15.93 15.72
N VAL A 387 -4.74 15.58 15.38
CA VAL A 387 -3.72 16.57 15.07
C VAL A 387 -3.80 16.95 13.60
N ASN A 388 -4.01 15.96 12.74
CA ASN A 388 -4.12 16.17 11.31
C ASN A 388 -5.01 15.08 10.71
N SER A 389 -6.26 15.42 10.42
CA SER A 389 -7.21 14.46 9.86
C SER A 389 -6.73 13.92 8.51
N ASN A 390 -5.76 14.61 7.92
CA ASN A 390 -5.22 14.18 6.63
C ASN A 390 -3.87 13.48 6.70
N ALA A 391 -3.47 13.07 7.90
CA ALA A 391 -2.22 12.35 8.08
C ALA A 391 -2.54 10.87 7.88
N ALA A 392 -1.74 10.20 7.05
CA ALA A 392 -1.95 8.79 6.76
C ALA A 392 -1.41 7.83 7.81
N ILE A 393 -2.10 6.71 7.96
CA ILE A 393 -1.70 5.67 8.90
C ILE A 393 -1.69 4.35 8.14
N ILE A 394 -0.50 3.83 7.88
CA ILE A 394 -0.34 2.59 7.14
C ILE A 394 0.41 1.59 8.01
N GLY A 395 -0.27 0.51 8.40
CA GLY A 395 0.38 -0.47 9.24
C GLY A 395 1.12 -1.54 8.47
N GLU A 396 2.18 -2.07 9.06
CA GLU A 396 2.91 -3.14 8.40
C GLU A 396 2.21 -4.46 8.76
N TYR A 397 1.80 -5.19 7.74
CA TYR A 397 1.15 -6.49 7.95
C TYR A 397 1.30 -7.26 6.65
N TRP A 398 1.79 -8.49 6.75
CA TRP A 398 2.03 -9.31 5.58
C TRP A 398 0.84 -10.19 5.15
N GLY A 399 -0.22 -10.19 5.95
CA GLY A 399 -1.38 -11.00 5.60
C GLY A 399 -2.62 -10.16 5.37
N ASN A 400 -3.78 -10.71 5.69
CA ASN A 400 -5.07 -10.02 5.54
C ASN A 400 -5.21 -9.03 6.69
N ALA A 401 -5.05 -7.74 6.41
CA ALA A 401 -5.13 -6.71 7.44
C ALA A 401 -6.54 -6.24 7.79
N ASN A 402 -7.55 -7.00 7.38
CA ASN A 402 -8.95 -6.65 7.67
C ASN A 402 -9.21 -6.25 9.12
N PRO A 403 -8.62 -6.98 10.09
CA PRO A 403 -8.80 -6.67 11.52
C PRO A 403 -8.38 -5.25 11.95
N TRP A 404 -7.45 -4.65 11.22
CA TRP A 404 -6.96 -3.31 11.57
C TRP A 404 -7.49 -2.22 10.64
N THR A 405 -8.40 -2.59 9.74
CA THR A 405 -8.92 -1.63 8.79
C THR A 405 -10.44 -1.63 8.59
N ALA A 406 -11.04 -2.82 8.58
CA ALA A 406 -12.48 -2.99 8.33
C ALA A 406 -13.49 -2.34 9.28
N GLN A 407 -13.04 -1.81 10.40
CA GLN A 407 -13.96 -1.16 11.32
C GLN A 407 -13.81 0.36 11.28
N GLY A 408 -12.92 0.82 10.40
CA GLY A 408 -12.68 2.24 10.23
C GLY A 408 -12.20 3.00 11.46
N ASN A 409 -11.71 2.27 12.46
CA ASN A 409 -11.24 2.93 13.67
C ASN A 409 -9.75 2.76 13.95
N GLN A 410 -9.01 2.21 13.00
CA GLN A 410 -7.59 2.01 13.20
C GLN A 410 -6.73 2.54 12.05
N TRP A 411 -6.23 1.68 11.17
CA TRP A 411 -5.39 2.14 10.07
C TRP A 411 -6.18 2.58 8.86
N ASP A 412 -5.53 3.33 7.98
CA ASP A 412 -6.16 3.78 6.73
C ASP A 412 -5.91 2.70 5.68
N ALA A 413 -4.80 1.98 5.85
CA ALA A 413 -4.41 0.92 4.92
C ALA A 413 -3.23 0.12 5.47
N ALA A 414 -2.65 -0.74 4.64
CA ALA A 414 -1.51 -1.53 5.09
C ALA A 414 -0.57 -1.87 3.94
N THR A 415 0.61 -2.38 4.29
CA THR A 415 1.60 -2.80 3.31
C THR A 415 0.92 -4.00 2.62
N ASN A 416 0.64 -3.86 1.33
CA ASN A 416 -0.08 -4.90 0.60
C ASN A 416 0.69 -6.14 0.12
N PHE A 417 1.41 -6.80 1.02
CA PHE A 417 2.16 -8.00 0.63
C PHE A 417 1.23 -9.08 0.09
N ASP A 418 0.13 -9.32 0.81
CA ASP A 418 -0.84 -10.36 0.45
C ASP A 418 -1.78 -10.03 -0.71
N GLY A 419 -2.11 -8.75 -0.90
CA GLY A 419 -3.01 -8.40 -1.99
C GLY A 419 -2.35 -7.85 -3.24
N PHE A 420 -1.02 -7.72 -3.21
CA PHE A 420 -0.30 -7.18 -4.34
C PHE A 420 1.06 -7.81 -4.59
N THR A 421 2.01 -7.54 -3.70
CA THR A 421 3.37 -8.03 -3.84
C THR A 421 3.49 -9.53 -4.14
N GLN A 422 2.86 -10.36 -3.32
CA GLN A 422 2.94 -11.82 -3.51
C GLN A 422 2.28 -12.31 -4.80
N PRO A 423 1.00 -11.97 -5.02
CA PRO A 423 0.36 -12.44 -6.26
C PRO A 423 1.08 -11.97 -7.52
N VAL A 424 1.50 -10.71 -7.55
CA VAL A 424 2.20 -10.18 -8.72
C VAL A 424 3.49 -10.94 -8.97
N SER A 425 4.21 -11.22 -7.88
CA SER A 425 5.47 -11.93 -7.97
C SER A 425 5.30 -13.36 -8.49
N GLU A 426 4.32 -14.09 -7.97
CA GLU A 426 4.12 -15.46 -8.40
C GLU A 426 3.58 -15.60 -9.82
N TRP A 427 2.78 -14.64 -10.27
CA TRP A 427 2.22 -14.70 -11.62
C TRP A 427 3.29 -14.38 -12.67
N ILE A 428 4.03 -13.30 -12.46
CA ILE A 428 5.05 -12.85 -13.40
C ILE A 428 6.42 -13.52 -13.31
N THR A 429 6.95 -13.73 -12.12
CA THR A 429 8.27 -14.34 -11.98
C THR A 429 8.26 -15.82 -11.63
N GLY A 430 7.10 -16.31 -11.19
CA GLY A 430 7.02 -17.71 -10.82
C GLY A 430 7.73 -17.97 -9.49
N LYS A 431 7.92 -16.89 -8.73
CA LYS A 431 8.59 -16.97 -7.43
C LYS A 431 7.78 -16.17 -6.41
N ASP A 432 7.88 -16.53 -5.13
CA ASP A 432 7.20 -15.76 -4.10
C ASP A 432 8.19 -14.62 -3.84
N TYR A 433 7.86 -13.64 -3.01
CA TYR A 433 8.78 -12.53 -2.80
C TYR A 433 10.09 -12.87 -2.09
N GLN A 434 10.24 -14.12 -1.65
CA GLN A 434 11.47 -14.55 -0.98
C GLN A 434 12.33 -15.30 -1.99
N ASN A 435 11.87 -15.30 -3.25
CA ASN A 435 12.57 -15.94 -4.36
C ASN A 435 12.52 -17.47 -4.31
N ASN A 436 11.48 -18.02 -3.69
CA ASN A 436 11.29 -19.47 -3.64
C ASN A 436 10.33 -19.77 -4.79
N SER A 437 10.48 -20.93 -5.42
CA SER A 437 9.60 -21.30 -6.52
C SER A 437 8.14 -21.31 -6.05
N ALA A 438 7.30 -20.58 -6.78
CA ALA A 438 5.87 -20.48 -6.47
C ALA A 438 5.21 -19.75 -7.63
N SER A 439 4.51 -20.51 -8.47
CA SER A 439 3.85 -19.95 -9.63
C SER A 439 2.33 -20.11 -9.61
N ILE A 440 1.65 -19.16 -10.23
CA ILE A 440 0.19 -19.23 -10.31
C ILE A 440 -0.22 -18.88 -11.73
N SER A 441 -1.38 -19.38 -12.14
CA SER A 441 -1.92 -19.13 -13.47
C SER A 441 -2.62 -17.78 -13.47
N THR A 442 -3.08 -17.36 -14.65
CA THR A 442 -3.76 -16.09 -14.77
C THR A 442 -5.11 -16.11 -14.04
N THR A 443 -5.83 -17.24 -14.10
CA THR A 443 -7.11 -17.30 -13.40
C THR A 443 -6.88 -17.23 -11.88
N GLN A 444 -5.81 -17.84 -11.41
CA GLN A 444 -5.49 -17.82 -9.98
C GLN A 444 -5.11 -16.39 -9.58
N PHE A 445 -4.33 -15.75 -10.43
CA PHE A 445 -3.89 -14.37 -10.20
C PHE A 445 -5.12 -13.50 -9.98
N ASP A 446 -6.05 -13.54 -10.93
CA ASP A 446 -7.26 -12.73 -10.86
C ASP A 446 -8.13 -13.06 -9.65
N SER A 447 -8.20 -14.33 -9.29
CA SER A 447 -9.00 -14.72 -8.14
C SER A 447 -8.33 -14.27 -6.85
N TRP A 448 -7.01 -14.41 -6.81
CA TRP A 448 -6.21 -14.00 -5.64
C TRP A 448 -6.43 -12.50 -5.42
N LEU A 449 -6.28 -11.71 -6.49
CA LEU A 449 -6.45 -10.27 -6.40
C LEU A 449 -7.84 -9.86 -5.91
N ARG A 450 -8.88 -10.44 -6.50
CA ARG A 450 -10.26 -10.11 -6.12
C ARG A 450 -10.55 -10.48 -4.66
N GLY A 451 -10.13 -11.68 -4.27
CA GLY A 451 -10.35 -12.13 -2.91
C GLY A 451 -9.68 -11.23 -1.90
N THR A 452 -8.50 -10.72 -2.23
CA THR A 452 -7.80 -9.85 -1.29
C THR A 452 -8.39 -8.43 -1.28
N ARG A 453 -8.86 -7.95 -2.42
CA ARG A 453 -9.47 -6.62 -2.45
C ARG A 453 -10.72 -6.67 -1.57
N ALA A 454 -11.46 -7.78 -1.67
CA ALA A 454 -12.70 -7.97 -0.93
C ALA A 454 -12.50 -8.00 0.59
N ASN A 455 -11.26 -8.16 1.04
CA ASN A 455 -10.97 -8.17 2.47
C ASN A 455 -11.09 -6.76 3.04
N TYR A 456 -11.05 -5.76 2.16
CA TYR A 456 -11.06 -4.38 2.61
C TYR A 456 -12.15 -3.46 2.11
N PRO A 457 -12.44 -2.39 2.87
CA PRO A 457 -13.45 -1.42 2.47
C PRO A 457 -12.84 -0.78 1.23
N THR A 458 -13.67 -0.16 0.39
CA THR A 458 -13.16 0.45 -0.83
C THR A 458 -12.09 1.53 -0.63
N ASN A 459 -12.32 2.46 0.28
CA ASN A 459 -11.32 3.51 0.49
C ASN A 459 -9.99 2.95 0.97
N VAL A 460 -10.04 1.84 1.70
CA VAL A 460 -8.82 1.19 2.18
C VAL A 460 -8.10 0.59 0.96
N GLN A 461 -8.86 -0.12 0.11
CA GLN A 461 -8.30 -0.72 -1.08
C GLN A 461 -7.48 0.31 -1.86
N GLN A 462 -8.11 1.46 -2.13
CA GLN A 462 -7.50 2.53 -2.90
C GLN A 462 -6.28 3.16 -2.20
N SER A 463 -6.12 2.89 -0.91
CA SER A 463 -5.01 3.46 -0.13
C SER A 463 -3.91 2.46 0.23
N MET A 464 -4.04 1.21 -0.20
CA MET A 464 -3.05 0.20 0.12
C MET A 464 -1.70 0.54 -0.52
N MET A 465 -0.62 0.20 0.18
CA MET A 465 0.73 0.46 -0.32
C MET A 465 1.15 -0.72 -1.20
N ASN A 466 1.07 -0.52 -2.52
CA ASN A 466 1.41 -1.58 -3.47
C ASN A 466 2.83 -1.45 -4.03
N PHE A 467 3.76 -2.22 -3.48
CA PHE A 467 5.15 -2.19 -3.94
C PHE A 467 5.55 -3.53 -4.57
N LEU A 468 6.47 -3.47 -5.53
CA LEU A 468 6.94 -4.69 -6.18
C LEU A 468 7.96 -5.39 -5.29
N SER A 469 8.70 -4.58 -4.53
CA SER A 469 9.74 -5.08 -3.63
C SER A 469 9.87 -4.06 -2.50
N ASN A 470 10.62 -4.42 -1.47
CA ASN A 470 10.87 -3.51 -0.35
C ASN A 470 12.07 -4.03 0.44
N HIS A 471 12.50 -3.25 1.43
CA HIS A 471 13.68 -3.60 2.22
C HIS A 471 13.63 -4.92 2.99
N ASP A 472 12.50 -5.63 2.93
CA ASP A 472 12.38 -6.90 3.64
C ASP A 472 12.20 -8.14 2.77
N ILE A 473 12.26 -7.96 1.46
CA ILE A 473 12.11 -9.08 0.53
C ILE A 473 13.09 -8.92 -0.64
N THR A 474 13.25 -9.95 -1.45
CA THR A 474 14.17 -9.89 -2.56
C THR A 474 13.70 -8.92 -3.65
N ARG A 475 14.65 -8.36 -4.38
CA ARG A 475 14.37 -7.42 -5.47
C ARG A 475 13.60 -8.09 -6.61
N PHE A 476 12.62 -7.37 -7.16
CA PHE A 476 11.84 -7.92 -8.25
C PHE A 476 12.72 -8.31 -9.44
N ALA A 477 13.69 -7.46 -9.75
CA ALA A 477 14.59 -7.74 -10.87
C ALA A 477 15.41 -9.01 -10.66
N THR A 478 15.61 -9.40 -9.41
CA THR A 478 16.36 -10.62 -9.12
C THR A 478 15.44 -11.83 -9.28
N ARG A 479 14.23 -11.73 -8.74
CA ARG A 479 13.27 -12.82 -8.85
C ARG A 479 12.93 -13.08 -10.32
N SER A 480 13.00 -12.04 -11.14
CA SER A 480 12.69 -12.16 -12.56
C SER A 480 13.90 -12.66 -13.37
N GLY A 481 15.00 -12.94 -12.68
CA GLY A 481 16.19 -13.42 -13.37
C GLY A 481 16.84 -12.39 -14.27
N GLY A 482 16.71 -11.12 -13.92
CA GLY A 482 17.32 -10.07 -14.72
C GLY A 482 16.61 -9.71 -16.00
N ASP A 483 15.44 -10.30 -16.25
CA ASP A 483 14.67 -10.01 -17.46
C ASP A 483 13.90 -8.71 -17.26
N LEU A 484 14.41 -7.63 -17.83
CA LEU A 484 13.79 -6.32 -17.68
C LEU A 484 12.35 -6.26 -18.18
N TRP A 485 11.98 -7.11 -19.13
CA TRP A 485 10.62 -7.10 -19.63
C TRP A 485 9.61 -7.52 -18.55
N LYS A 486 10.05 -8.35 -17.62
CA LYS A 486 9.17 -8.76 -16.54
C LYS A 486 8.92 -7.56 -15.62
N THR A 487 9.92 -6.69 -15.50
CA THR A 487 9.78 -5.48 -14.70
C THR A 487 8.79 -4.55 -15.42
N TYR A 488 8.90 -4.47 -16.75
CA TYR A 488 8.00 -3.63 -17.53
C TYR A 488 6.56 -4.06 -17.24
N LEU A 489 6.30 -5.36 -17.39
CA LEU A 489 4.96 -5.90 -17.17
C LEU A 489 4.46 -5.57 -15.78
N ALA A 490 5.30 -5.81 -14.77
CA ALA A 490 4.94 -5.52 -13.38
C ALA A 490 4.59 -4.05 -13.17
N LEU A 491 5.38 -3.16 -13.76
CA LEU A 491 5.14 -1.72 -13.63
C LEU A 491 3.79 -1.33 -14.24
N ILE A 492 3.50 -1.88 -15.41
CA ILE A 492 2.25 -1.57 -16.08
C ILE A 492 1.06 -1.97 -15.20
N PHE A 493 1.16 -3.12 -14.54
CA PHE A 493 0.08 -3.57 -13.66
C PHE A 493 -0.01 -2.66 -12.44
N GLN A 494 1.14 -2.45 -11.79
CA GLN A 494 1.23 -1.63 -10.60
C GLN A 494 0.58 -0.25 -10.78
N MET A 495 0.97 0.44 -11.85
CA MET A 495 0.47 1.77 -12.15
C MET A 495 -0.97 1.87 -12.63
N THR A 496 -1.62 0.73 -12.88
CA THR A 496 -2.99 0.75 -13.34
C THR A 496 -3.93 -0.01 -12.40
N TYR A 497 -3.40 -0.47 -11.28
CA TYR A 497 -4.19 -1.24 -10.33
C TYR A 497 -4.81 -0.39 -9.21
N VAL A 498 -5.57 -1.06 -8.33
CA VAL A 498 -6.23 -0.42 -7.20
C VAL A 498 -5.27 -0.36 -6.01
N GLY A 499 -5.00 0.85 -5.54
CA GLY A 499 -4.09 1.04 -4.43
C GLY A 499 -2.95 1.96 -4.81
N THR A 500 -2.28 2.53 -3.82
CA THR A 500 -1.17 3.46 -4.05
C THR A 500 0.07 2.80 -4.65
N PRO A 501 0.40 3.11 -5.92
CA PRO A 501 1.60 2.49 -6.49
C PRO A 501 2.80 2.95 -5.66
N THR A 502 3.58 2.01 -5.16
CA THR A 502 4.74 2.35 -4.34
C THR A 502 6.02 1.79 -4.94
N ILE A 503 6.94 2.70 -5.27
CA ILE A 503 8.22 2.34 -5.88
C ILE A 503 9.37 2.25 -4.87
N TYR A 504 9.89 1.05 -4.66
CA TYR A 504 11.02 0.88 -3.74
C TYR A 504 12.26 1.36 -4.51
N TYR A 505 12.89 2.42 -4.01
CA TYR A 505 14.05 3.04 -4.67
C TYR A 505 14.93 2.05 -5.44
N GLY A 506 15.13 2.32 -6.72
CA GLY A 506 15.95 1.45 -7.56
C GLY A 506 15.15 0.53 -8.46
N ASP A 507 13.98 0.09 -7.99
CA ASP A 507 13.13 -0.81 -8.77
C ASP A 507 12.76 -0.18 -10.11
N GLU A 508 12.72 1.15 -10.16
CA GLU A 508 12.35 1.85 -11.40
C GLU A 508 13.38 1.69 -12.51
N TYR A 509 14.62 1.33 -12.18
CA TYR A 509 15.62 1.13 -13.22
C TYR A 509 16.06 -0.33 -13.30
N GLY A 510 15.38 -1.18 -12.53
CA GLY A 510 15.68 -2.60 -12.53
C GLY A 510 16.79 -3.04 -11.59
N MET A 511 16.98 -2.32 -10.49
CA MET A 511 18.04 -2.71 -9.54
C MET A 511 17.82 -4.14 -9.06
N GLN A 512 18.90 -4.91 -8.96
CA GLN A 512 18.81 -6.28 -8.49
C GLN A 512 19.20 -6.36 -7.02
N GLY A 513 18.99 -7.52 -6.42
CA GLY A 513 19.33 -7.71 -5.01
C GLY A 513 18.62 -8.88 -4.38
N GLY A 514 19.38 -9.68 -3.63
CA GLY A 514 18.81 -10.83 -2.97
C GLY A 514 18.18 -10.46 -1.63
N ALA A 515 18.34 -11.32 -0.64
CA ALA A 515 17.79 -11.09 0.68
C ALA A 515 18.55 -10.07 1.52
N ASP A 516 17.81 -9.44 2.43
CA ASP A 516 18.37 -8.46 3.35
C ASP A 516 19.76 -8.99 3.75
N PRO A 517 20.80 -8.15 3.68
CA PRO A 517 20.84 -6.74 3.27
C PRO A 517 21.07 -6.44 1.79
N ASP A 518 21.19 -7.48 0.96
CA ASP A 518 21.44 -7.26 -0.45
C ASP A 518 20.29 -6.60 -1.20
N ASN A 519 19.18 -6.37 -0.50
CA ASN A 519 18.03 -5.72 -1.11
C ASN A 519 18.06 -4.23 -0.79
N ARG A 520 19.16 -3.79 -0.19
CA ARG A 520 19.34 -2.39 0.19
C ARG A 520 20.62 -1.80 -0.40
N ARG A 521 20.90 -2.12 -1.65
CA ARG A 521 22.10 -1.62 -2.31
C ARG A 521 22.03 -0.10 -2.51
N SER A 522 23.20 0.53 -2.60
CA SER A 522 23.24 1.97 -2.82
C SER A 522 22.73 2.20 -4.24
N PHE A 523 22.08 3.35 -4.44
CA PHE A 523 21.47 3.73 -5.72
C PHE A 523 22.47 4.16 -6.81
N ASP A 524 22.36 3.55 -7.99
CA ASP A 524 23.23 3.85 -9.13
C ASP A 524 22.62 5.02 -9.91
N TRP A 525 23.13 6.22 -9.67
CA TRP A 525 22.59 7.41 -10.33
C TRP A 525 22.74 7.51 -11.83
N SER A 526 23.64 6.73 -12.43
CA SER A 526 23.80 6.78 -13.88
C SER A 526 22.55 6.19 -14.54
N GLN A 527 21.71 5.54 -13.74
CA GLN A 527 20.48 4.92 -14.25
C GLN A 527 19.24 5.80 -14.01
N ALA A 528 19.40 6.86 -13.22
CA ALA A 528 18.30 7.75 -12.90
C ALA A 528 17.99 8.71 -14.06
N THR A 529 17.71 8.14 -15.22
CA THR A 529 17.42 8.93 -16.41
C THR A 529 16.51 8.17 -17.37
N PRO A 530 15.75 8.90 -18.20
CA PRO A 530 14.83 8.31 -19.19
C PRO A 530 15.57 7.41 -20.18
N SER A 531 16.90 7.55 -20.24
CA SER A 531 17.71 6.73 -21.14
C SER A 531 17.57 5.30 -20.70
N ASN A 532 17.34 5.10 -19.39
CA ASN A 532 17.14 3.75 -18.87
C ASN A 532 15.69 3.44 -19.23
N SER A 533 15.48 2.33 -19.92
CA SER A 533 14.15 1.94 -20.37
C SER A 533 13.10 1.79 -19.28
N ALA A 534 13.47 1.18 -18.15
CA ALA A 534 12.51 1.02 -17.06
C ALA A 534 12.14 2.37 -16.45
N VAL A 535 13.10 3.29 -16.39
CA VAL A 535 12.83 4.62 -15.86
C VAL A 535 11.89 5.37 -16.79
N ALA A 536 12.16 5.28 -18.09
CA ALA A 536 11.32 5.93 -19.09
C ALA A 536 9.88 5.42 -18.98
N LEU A 537 9.74 4.10 -18.84
CA LEU A 537 8.41 3.51 -18.71
C LEU A 537 7.72 3.96 -17.42
N THR A 538 8.46 3.94 -16.31
CA THR A 538 7.90 4.36 -15.02
C THR A 538 7.34 5.78 -15.10
N GLN A 539 8.13 6.69 -15.65
CA GLN A 539 7.73 8.09 -15.80
C GLN A 539 6.46 8.19 -16.63
N LYS A 540 6.39 7.44 -17.72
CA LYS A 540 5.23 7.46 -18.60
C LYS A 540 3.98 6.93 -17.91
N LEU A 541 4.13 5.85 -17.15
CA LEU A 541 3.00 5.25 -16.43
C LEU A 541 2.48 6.17 -15.33
N ILE A 542 3.38 6.85 -14.64
CA ILE A 542 2.97 7.75 -13.57
C ILE A 542 2.19 8.91 -14.20
N THR A 543 2.62 9.35 -15.38
CA THR A 543 1.94 10.43 -16.07
C THR A 543 0.54 9.95 -16.43
N ILE A 544 0.47 8.72 -16.95
CA ILE A 544 -0.81 8.12 -17.32
C ILE A 544 -1.76 8.02 -16.12
N ARG A 545 -1.26 7.52 -14.99
CA ARG A 545 -2.12 7.39 -13.81
C ARG A 545 -2.61 8.76 -13.35
N ASN A 546 -1.73 9.75 -13.38
CA ASN A 546 -2.08 11.10 -12.96
C ASN A 546 -3.07 11.72 -13.94
N GLN A 547 -3.05 11.24 -15.18
CA GLN A 547 -3.95 11.75 -16.21
C GLN A 547 -5.34 11.13 -16.13
N TYR A 548 -5.45 9.93 -15.55
CA TYR A 548 -6.75 9.26 -15.47
C TYR A 548 -7.22 8.87 -14.07
N PRO A 549 -8.14 9.66 -13.51
CA PRO A 549 -8.67 9.38 -12.16
C PRO A 549 -9.27 7.98 -12.08
N ALA A 550 -9.71 7.45 -13.22
CA ALA A 550 -10.29 6.11 -13.26
C ALA A 550 -9.29 5.05 -12.81
N LEU A 551 -8.00 5.31 -12.99
CA LEU A 551 -6.98 4.34 -12.57
C LEU A 551 -6.72 4.40 -11.07
N ARG A 552 -7.05 5.54 -10.45
CA ARG A 552 -6.84 5.73 -9.03
C ARG A 552 -8.06 5.42 -8.16
N THR A 553 -9.23 5.87 -8.59
CA THR A 553 -10.46 5.65 -7.82
C THR A 553 -11.61 5.07 -8.63
N GLY A 554 -11.37 4.68 -9.88
CA GLY A 554 -12.43 4.12 -10.70
C GLY A 554 -12.77 2.69 -10.34
N SER A 555 -13.80 2.15 -10.99
CA SER A 555 -14.20 0.77 -10.73
C SER A 555 -13.19 -0.19 -11.34
N PHE A 556 -13.23 -1.45 -10.92
CA PHE A 556 -12.34 -2.47 -11.44
C PHE A 556 -13.17 -3.65 -11.93
N MET A 557 -12.97 -4.05 -13.18
CA MET A 557 -13.72 -5.18 -13.74
C MET A 557 -12.81 -6.12 -14.52
N THR A 558 -12.85 -7.40 -14.17
CA THR A 558 -12.05 -8.40 -14.88
C THR A 558 -12.64 -8.57 -16.27
N LEU A 559 -11.79 -8.64 -17.29
CA LEU A 559 -12.27 -8.81 -18.66
C LEU A 559 -11.81 -10.11 -19.32
N ILE A 560 -10.57 -10.50 -19.09
CA ILE A 560 -10.03 -11.72 -19.67
C ILE A 560 -9.05 -12.43 -18.75
N THR A 561 -9.22 -13.73 -18.60
CA THR A 561 -8.34 -14.56 -17.79
C THR A 561 -8.06 -15.81 -18.62
N ASP A 562 -7.09 -15.70 -19.53
CA ASP A 562 -6.72 -16.76 -20.44
C ASP A 562 -5.47 -17.49 -19.96
N ASP A 563 -5.64 -18.68 -19.40
CA ASP A 563 -4.49 -19.44 -18.89
C ASP A 563 -3.63 -20.05 -19.99
N THR A 564 -4.22 -20.38 -21.13
CA THR A 564 -3.48 -20.97 -22.24
C THR A 564 -2.47 -19.98 -22.83
N ASN A 565 -2.90 -18.75 -23.07
CA ASN A 565 -2.00 -17.74 -23.65
C ASN A 565 -1.42 -16.81 -22.59
N LYS A 566 -1.86 -16.98 -21.34
CA LYS A 566 -1.39 -16.16 -20.24
C LYS A 566 -1.72 -14.69 -20.47
N ILE A 567 -2.97 -14.43 -20.84
CA ILE A 567 -3.44 -13.08 -21.09
C ILE A 567 -4.38 -12.64 -19.98
N TYR A 568 -4.09 -11.49 -19.38
CA TYR A 568 -4.92 -10.95 -18.32
C TYR A 568 -5.39 -9.55 -18.71
N SER A 569 -6.70 -9.34 -18.68
CA SER A 569 -7.24 -8.04 -19.04
C SER A 569 -8.29 -7.61 -18.02
N TYR A 570 -8.27 -6.33 -17.69
CA TYR A 570 -9.23 -5.76 -16.73
C TYR A 570 -9.48 -4.31 -17.12
N GLY A 571 -10.63 -3.79 -16.72
CA GLY A 571 -10.96 -2.41 -17.04
C GLY A 571 -11.06 -1.53 -15.82
N ARG A 572 -10.69 -0.26 -16.00
CA ARG A 572 -10.76 0.73 -14.93
C ARG A 572 -11.63 1.83 -15.56
N PHE A 573 -12.69 2.23 -14.88
CA PHE A 573 -13.58 3.22 -15.46
C PHE A 573 -14.42 4.02 -14.47
N ASP A 574 -14.81 5.22 -14.88
CA ASP A 574 -15.65 6.09 -14.09
C ASP A 574 -16.57 6.87 -15.02
N ASN A 575 -17.12 7.98 -14.55
CA ASN A 575 -18.03 8.77 -15.36
C ASN A 575 -17.38 9.44 -16.58
N VAL A 576 -16.06 9.54 -16.57
CA VAL A 576 -15.35 10.20 -17.66
C VAL A 576 -14.55 9.27 -18.57
N ASN A 577 -13.69 8.44 -17.99
CA ASN A 577 -12.88 7.55 -18.82
C ASN A 577 -13.15 6.06 -18.66
N ARG A 578 -12.77 5.33 -19.70
CA ARG A 578 -12.89 3.88 -19.74
C ARG A 578 -11.54 3.38 -20.25
N ILE A 579 -10.87 2.59 -19.43
CA ILE A 579 -9.55 2.07 -19.77
C ILE A 579 -9.49 0.55 -19.65
N ALA A 580 -9.08 -0.11 -20.72
CA ALA A 580 -8.95 -1.56 -20.72
C ALA A 580 -7.46 -1.93 -20.79
N VAL A 581 -6.95 -2.52 -19.72
CA VAL A 581 -5.55 -2.93 -19.66
C VAL A 581 -5.43 -4.38 -20.12
N VAL A 582 -4.48 -4.64 -21.00
CA VAL A 582 -4.25 -5.99 -21.51
C VAL A 582 -2.80 -6.36 -21.22
N LEU A 583 -2.61 -7.38 -20.39
CA LEU A 583 -1.27 -7.84 -20.03
C LEU A 583 -0.97 -9.21 -20.62
N ASN A 584 0.20 -9.33 -21.25
CA ASN A 584 0.62 -10.59 -21.85
C ASN A 584 1.78 -11.13 -21.01
N ASN A 585 1.50 -12.15 -20.20
CA ASN A 585 2.51 -12.76 -19.33
C ASN A 585 3.23 -13.92 -20.00
N ASP A 586 3.02 -14.09 -21.30
CA ASP A 586 3.65 -15.17 -22.04
C ASP A 586 4.95 -14.65 -22.63
N SER A 587 5.79 -15.56 -23.14
CA SER A 587 7.07 -15.16 -23.71
C SER A 587 6.96 -14.88 -25.20
N VAL A 588 5.74 -14.96 -25.74
CA VAL A 588 5.52 -14.70 -27.15
C VAL A 588 4.31 -13.78 -27.33
N SER A 589 4.26 -13.12 -28.48
CA SER A 589 3.19 -12.19 -28.81
C SER A 589 1.84 -12.91 -28.98
N HIS A 590 0.76 -12.19 -28.69
CA HIS A 590 -0.59 -12.73 -28.82
C HIS A 590 -1.53 -11.64 -29.29
N THR A 591 -2.41 -11.97 -30.23
CA THR A 591 -3.38 -11.01 -30.72
C THR A 591 -4.64 -11.25 -29.89
N VAL A 592 -5.06 -10.21 -29.18
CA VAL A 592 -6.21 -10.30 -28.29
C VAL A 592 -7.45 -9.50 -28.69
N ASN A 593 -8.62 -10.11 -28.55
CA ASN A 593 -9.88 -9.44 -28.83
C ASN A 593 -10.38 -8.97 -27.47
N VAL A 594 -10.12 -7.71 -27.15
CA VAL A 594 -10.51 -7.13 -25.86
C VAL A 594 -11.98 -6.74 -25.90
N PRO A 595 -12.80 -7.30 -25.00
CA PRO A 595 -14.24 -7.02 -24.92
C PRO A 595 -14.56 -5.68 -24.25
N VAL A 596 -14.14 -4.60 -24.88
CA VAL A 596 -14.36 -3.26 -24.34
C VAL A 596 -15.84 -2.91 -24.21
N TRP A 597 -16.71 -3.71 -24.83
CA TRP A 597 -18.14 -3.44 -24.73
C TRP A 597 -18.60 -3.58 -23.28
N GLN A 598 -17.85 -4.33 -22.47
CA GLN A 598 -18.18 -4.54 -21.06
C GLN A 598 -18.01 -3.24 -20.27
N LEU A 599 -17.16 -2.34 -20.78
CA LEU A 599 -16.92 -1.06 -20.11
C LEU A 599 -17.79 0.00 -20.77
N SER A 600 -18.65 -0.44 -21.68
CA SER A 600 -19.54 0.45 -22.41
C SER A 600 -18.79 1.38 -23.36
N MET A 601 -17.72 0.87 -23.96
CA MET A 601 -16.99 1.65 -24.96
C MET A 601 -17.82 1.44 -26.22
N PRO A 602 -18.39 2.53 -26.78
CA PRO A 602 -19.22 2.50 -28.00
C PRO A 602 -18.56 1.95 -29.25
N ASN A 603 -19.33 1.21 -30.04
CA ASN A 603 -18.81 0.68 -31.29
C ASN A 603 -18.46 1.88 -32.16
N GLY A 604 -17.34 1.80 -32.87
CA GLY A 604 -16.95 2.91 -33.72
C GLY A 604 -16.13 3.98 -33.00
N SER A 605 -16.05 3.90 -31.67
CA SER A 605 -15.27 4.86 -30.92
C SER A 605 -13.80 4.48 -31.02
N THR A 606 -12.92 5.42 -30.69
CA THR A 606 -11.49 5.15 -30.78
C THR A 606 -10.84 5.05 -29.41
N VAL A 607 -9.80 4.22 -29.33
CA VAL A 607 -9.05 4.06 -28.09
C VAL A 607 -7.58 4.19 -28.45
N THR A 608 -6.78 4.64 -27.50
CA THR A 608 -5.35 4.79 -27.74
C THR A 608 -4.58 3.98 -26.71
N ASP A 609 -3.68 3.14 -27.20
CA ASP A 609 -2.85 2.33 -26.31
C ASP A 609 -1.75 3.27 -25.81
N LYS A 610 -1.88 3.70 -24.55
CA LYS A 610 -0.91 4.63 -23.97
C LYS A 610 0.52 4.07 -23.87
N ILE A 611 0.68 2.77 -24.09
CA ILE A 611 2.01 2.17 -24.02
C ILE A 611 2.78 2.29 -25.34
N THR A 612 2.13 1.93 -26.45
CA THR A 612 2.77 2.00 -27.77
C THR A 612 2.41 3.28 -28.52
N GLY A 613 1.29 3.88 -28.15
CA GLY A 613 0.85 5.10 -28.81
C GLY A 613 -0.08 4.82 -29.97
N HIS A 614 -0.33 3.53 -30.26
CA HIS A 614 -1.21 3.13 -31.36
C HIS A 614 -2.69 3.31 -31.01
N SER A 615 -3.50 3.64 -32.01
CA SER A 615 -4.92 3.81 -31.80
C SER A 615 -5.71 2.73 -32.52
N TYR A 616 -6.87 2.39 -31.96
CA TYR A 616 -7.73 1.37 -32.52
C TYR A 616 -9.19 1.81 -32.50
N THR A 617 -10.00 1.18 -33.33
CA THR A 617 -11.42 1.49 -33.42
C THR A 617 -12.21 0.31 -32.85
N VAL A 618 -13.20 0.60 -32.02
CA VAL A 618 -14.02 -0.46 -31.45
C VAL A 618 -14.94 -1.01 -32.55
N GLN A 619 -14.87 -2.33 -32.76
CA GLN A 619 -15.68 -2.98 -33.78
C GLN A 619 -16.32 -4.24 -33.21
N ASN A 620 -17.63 -4.36 -33.37
CA ASN A 620 -18.38 -5.51 -32.85
C ASN A 620 -18.06 -5.68 -31.36
N GLY A 621 -18.05 -4.54 -30.66
CA GLY A 621 -17.77 -4.54 -29.23
C GLY A 621 -16.36 -4.90 -28.82
N MET A 622 -15.46 -5.07 -29.80
CA MET A 622 -14.09 -5.45 -29.51
C MET A 622 -13.01 -4.49 -29.99
N VAL A 623 -11.83 -4.65 -29.40
CA VAL A 623 -10.64 -3.91 -29.78
C VAL A 623 -9.62 -5.02 -29.95
N THR A 624 -9.20 -5.25 -31.20
CA THR A 624 -8.24 -6.29 -31.48
C THR A 624 -6.84 -5.70 -31.44
N VAL A 625 -6.01 -6.20 -30.53
CA VAL A 625 -4.66 -5.68 -30.39
C VAL A 625 -3.64 -6.80 -30.19
N ALA A 626 -2.49 -6.66 -30.84
CA ALA A 626 -1.42 -7.62 -30.73
C ALA A 626 -0.49 -7.12 -29.62
N VAL A 627 -0.41 -7.88 -28.53
CA VAL A 627 0.43 -7.48 -27.41
C VAL A 627 1.68 -8.35 -27.35
N ASP A 628 2.84 -7.70 -27.29
CA ASP A 628 4.12 -8.38 -27.23
C ASP A 628 4.26 -9.15 -25.92
N GLY A 629 5.13 -10.17 -25.93
CA GLY A 629 5.34 -10.96 -24.73
C GLY A 629 5.89 -10.16 -23.58
N HIS A 630 5.48 -10.50 -22.36
CA HIS A 630 5.91 -9.79 -21.17
C HIS A 630 5.81 -8.28 -21.35
N TYR A 631 4.66 -7.87 -21.87
CA TYR A 631 4.39 -6.45 -22.08
C TYR A 631 2.89 -6.24 -21.92
N GLY A 632 2.43 -5.01 -22.10
CA GLY A 632 1.01 -4.73 -21.95
C GLY A 632 0.51 -3.53 -22.71
N ALA A 633 -0.81 -3.43 -22.82
CA ALA A 633 -1.46 -2.33 -23.50
C ALA A 633 -2.41 -1.68 -22.52
N VAL A 634 -2.54 -0.36 -22.63
CA VAL A 634 -3.45 0.39 -21.78
C VAL A 634 -4.34 1.18 -22.73
N LEU A 635 -5.41 0.52 -23.17
CA LEU A 635 -6.35 1.09 -24.13
C LEU A 635 -7.29 2.06 -23.42
N ALA A 636 -7.06 3.36 -23.65
CA ALA A 636 -7.86 4.38 -23.01
C ALA A 636 -8.67 5.26 -23.95
N GLN A 637 -9.78 5.79 -23.43
CA GLN A 637 -10.65 6.71 -24.16
C GLN A 637 -11.40 7.55 -23.15
#